data_5JS2
#
_entry.id   5JS2
#
_cell.length_a   63.102
_cell.length_b   107.552
_cell.length_c   68.893
_cell.angle_alpha   90.00
_cell.angle_beta   107.39
_cell.angle_gamma   90.00
#
_symmetry.space_group_name_H-M   'P 1 21 1'
#
loop_
_entity.id
_entity.type
_entity.pdbx_description
1 polymer 'Protein argonaute-2'
2 polymer 'modified siRNA'
3 non-polymer PHENOL
4 non-polymer 'PHOSPHATE ION'
5 non-polymer 'MAGNESIUM ION'
6 water water
#
loop_
_entity_poly.entity_id
_entity_poly.type
_entity_poly.pdbx_seq_one_letter_code
_entity_poly.pdbx_strand_id
1 'polypeptide(L)'
;MYSGAGPALAPPAPPPPIQGYAFKPPPRPDFGTSGRTIKLQANFFEMDIPKIDIYHYELDIKPEKCPRRVNREIVEHMVQ
HFKTQIFGDRKPVFDGRKNLYTAMPLPIGRDKVELEVTLPGEGKDRIFKVSIKWVSCVSLQALHDALSGRLPSVPFETIQ
ALDVVMRHLPSMRYTPVGRSFFTASEGCSNPLGGGREVWFGFHQSVRPSLWKMMLNIDVSATAFYKAQPVIEFVCEVLDF
KSIEEQQKPLTDSQRVKFTKEIKGLKVEITHCGQMKRKYRVCNVTRRPASHQTFPLQQESGQTVECTVAQYFKDRHKLVL
RYPHLPCLQVGQEQKHTYLPLEVCNIVAGQRCIKKLTDNQTSTMIRATARSAPDRQEEISKLMRSADFNTDPYVREFGIM
VKDEMTDVTGRVLQPPSILYGGRNKAIATPVQGVWDMRNKQFHTGIEIKVWAIACFAPQRQCTEVHLKSFTEQLRKISRD
AGMPIQGQPCFCKYAQGADSVEPMFRHLKNTYAGLQLVVVILPGKTPVYAEVKRVGDTVLGMATQCVQMKNVQRTTPQTL
SNLCLKINVKLGGVNNILLPQGRPPVFQQPVIFLGADVTHPPAGDGKKPSIAAVVGSMDAHPNRYCATVRVQQHRQEIIQ
DLAAMVRELLIQFYKSTRFKPTRIIFYRDGVSEGQFQQVLHHELLAIREACIKLEKDYQPGITFIVVQKRHHTRLFCTDK
NERVGKSGNIPAGTTVDTKITHPTEFDFYLCSHAGIQGTSRPSHYHVLWDDNRFSSDELQILTYQLCHTYVRCTRSVSIP
APAYYAHLVAFRARYHLVDKEHDSAEGSHTSGQSNGRDHQALAKAVQVHQDTLRTMYFA
;
A
2 'polyribonucleotide' (6OP)(F2T)(6NW)(UFT)(6OO)(UFT) B
#
loop_
_chem_comp.id
_chem_comp.type
_chem_comp.name
_chem_comp.formula
6NW RNA linking 2'-O-methyl-5'-O-thiophosphonoadenosine 'C11 H16 N5 O6 P S'
6OO RNA linking 2'-O-methyl-5'-O-thiophosphonocytidine 'C10 H16 N3 O7 P S'
6OP RNA linking 1-[(5E)-5,6-dideoxy-2-O-(2-methoxyethyl)-6-phosphono-beta-D-ribo-hex-5-enofuranosyl]-5-methylpyrimidine-2,4(1H,3H)-dione 'C14 H21 N2 O9 P'
F2T RNA linking 2'-deoxy-2'-fluoro-5'-O-thiophosphonouridine 'C9 H12 F N2 O7 P S'
IPH non-polymer PHENOL 'C6 H6 O'
MG non-polymer 'MAGNESIUM ION' 'Mg 2'
PO4 non-polymer 'PHOSPHATE ION' 'O4 P -3'
UFT DNA linking '2'-deoxy-2'-fluorouridine 5'-(dihydrogen phosphate)' 'C9 H12 F N2 O8 P'
#
# COMPACT_ATOMS: atom_id res chain seq x y z
N PHE A 23 17.50 -7.14 18.67
CA PHE A 23 16.52 -7.96 19.38
C PHE A 23 15.35 -7.10 19.84
N LYS A 24 15.65 -6.12 20.69
CA LYS A 24 14.63 -5.22 21.22
C LYS A 24 14.85 -3.81 20.72
N PRO A 25 13.77 -3.14 20.29
CA PRO A 25 13.85 -1.73 19.90
C PRO A 25 14.37 -0.88 21.05
N PRO A 26 15.17 0.15 20.73
CA PRO A 26 15.76 0.98 21.77
C PRO A 26 14.69 1.80 22.46
N PRO A 27 14.95 2.23 23.71
CA PRO A 27 13.99 3.13 24.33
C PRO A 27 14.07 4.48 23.63
N ARG A 28 13.12 5.37 23.89
CA ARG A 28 13.18 6.70 23.32
C ARG A 28 14.33 7.47 23.96
N PRO A 29 15.22 8.05 23.13
CA PRO A 29 16.38 8.79 23.62
C PRO A 29 16.02 10.13 24.25
N ASP A 30 15.20 10.90 23.55
CA ASP A 30 14.81 12.22 24.02
C ASP A 30 13.56 12.70 23.29
N PHE A 31 13.03 13.84 23.71
CA PHE A 31 11.95 14.45 22.97
C PHE A 31 12.49 15.62 22.14
N GLY A 32 12.25 15.56 20.84
CA GLY A 32 12.63 16.62 19.93
C GLY A 32 12.10 17.96 20.42
N THR A 33 12.96 18.97 20.35
CA THR A 33 12.61 20.32 20.81
C THR A 33 12.74 21.33 19.67
N SER A 34 13.26 20.86 18.54
CA SER A 34 13.48 21.74 17.39
C SER A 34 12.18 22.04 16.66
N GLY A 35 12.17 23.16 15.94
CA GLY A 35 11.01 23.52 15.15
C GLY A 35 10.09 24.48 15.87
N ARG A 36 9.11 24.99 15.12
CA ARG A 36 8.15 25.97 15.61
C ARG A 36 6.87 25.29 16.09
N THR A 37 6.55 25.50 17.37
CA THR A 37 5.41 24.85 18.02
C THR A 37 4.07 25.18 17.35
N ILE A 38 3.18 24.19 17.30
CA ILE A 38 1.87 24.30 16.66
C ILE A 38 0.85 23.52 17.48
N LYS A 39 -0.38 24.03 17.57
CA LYS A 39 -1.42 23.34 18.32
C LYS A 39 -2.20 22.42 17.39
N LEU A 40 -2.24 21.14 17.72
CA LEU A 40 -2.85 20.14 16.87
C LEU A 40 -3.87 19.30 17.62
N GLN A 41 -4.74 18.65 16.85
CA GLN A 41 -5.70 17.69 17.39
C GLN A 41 -5.59 16.37 16.64
N ALA A 42 -5.42 15.28 17.37
CA ALA A 42 -5.28 13.97 16.76
C ALA A 42 -6.55 13.14 16.96
N ASN A 43 -6.89 12.32 15.96
CA ASN A 43 -8.05 11.44 16.04
C ASN A 43 -7.79 10.25 16.96
N PHE A 44 -7.29 10.57 18.16
CA PHE A 44 -7.11 9.60 19.23
C PHE A 44 -7.99 10.04 20.38
N PHE A 45 -8.83 9.15 20.88
CA PHE A 45 -9.76 9.53 21.94
C PHE A 45 -9.43 8.81 23.23
N GLU A 46 -9.13 9.58 24.28
CA GLU A 46 -8.70 9.01 25.55
C GLU A 46 -9.72 8.03 26.11
N MET A 47 -9.21 6.94 26.69
CA MET A 47 -10.06 5.92 27.27
C MET A 47 -9.81 5.82 28.77
N ASP A 48 -10.88 5.95 29.56
CA ASP A 48 -10.78 5.75 30.99
C ASP A 48 -10.96 4.27 31.31
N ILE A 49 -9.84 3.59 31.54
CA ILE A 49 -9.85 2.16 31.80
C ILE A 49 -9.84 1.86 33.30
N PRO A 50 -10.76 1.00 33.75
CA PRO A 50 -10.75 0.58 35.16
C PRO A 50 -9.52 -0.25 35.49
N LYS A 51 -9.30 -0.53 36.76
CA LYS A 51 -8.10 -1.26 37.18
C LYS A 51 -8.37 -2.74 37.47
N ILE A 52 -9.61 -3.16 37.20
CA ILE A 52 -10.05 -4.51 37.53
C ILE A 52 -9.45 -5.58 36.62
N ASP A 53 -9.61 -6.84 37.01
CA ASP A 53 -9.15 -7.96 36.19
C ASP A 53 -10.28 -8.49 35.31
N ILE A 54 -10.05 -8.54 34.01
CA ILE A 54 -10.99 -9.16 33.07
C ILE A 54 -10.77 -10.66 33.15
N TYR A 55 -11.78 -11.45 32.81
CA TYR A 55 -11.59 -12.90 32.83
C TYR A 55 -11.66 -13.53 31.44
N HIS A 56 -10.71 -14.41 31.17
CA HIS A 56 -10.52 -14.98 29.85
C HIS A 56 -10.88 -16.47 29.76
N TYR A 57 -11.91 -16.74 28.96
CA TYR A 57 -12.37 -18.08 28.67
C TYR A 57 -12.10 -18.45 27.22
N GLU A 58 -11.88 -19.75 26.99
CA GLU A 58 -11.60 -20.27 25.66
C GLU A 58 -12.79 -21.07 25.13
N LEU A 59 -13.08 -20.90 23.85
CA LEU A 59 -14.22 -21.56 23.22
C LEU A 59 -13.76 -22.49 22.11
N ASP A 60 -14.19 -23.75 22.17
CA ASP A 60 -13.93 -24.69 21.11
C ASP A 60 -15.24 -25.09 20.45
N ILE A 61 -15.52 -24.50 19.30
CA ILE A 61 -16.78 -24.75 18.60
C ILE A 61 -16.58 -25.73 17.46
N LYS A 62 -17.44 -26.74 17.38
CA LYS A 62 -17.39 -27.71 16.31
C LYS A 62 -18.68 -27.67 15.50
N PRO A 63 -18.58 -27.56 14.16
CA PRO A 63 -17.39 -27.50 13.30
C PRO A 63 -16.44 -26.34 13.57
N GLU A 64 -15.16 -26.57 13.39
CA GLU A 64 -14.13 -25.60 13.78
C GLU A 64 -13.73 -24.64 12.67
N LYS A 65 -14.35 -24.79 11.49
CA LYS A 65 -14.00 -23.92 10.37
C LYS A 65 -15.17 -23.01 9.96
N CYS A 66 -16.05 -22.72 10.90
CA CYS A 66 -17.13 -21.77 10.67
C CYS A 66 -16.58 -20.34 10.62
N PRO A 67 -17.14 -19.50 9.75
CA PRO A 67 -16.73 -18.10 9.68
C PRO A 67 -17.04 -17.36 10.98
N ARG A 68 -16.34 -16.26 11.23
CA ARG A 68 -16.46 -15.54 12.51
C ARG A 68 -17.87 -15.06 12.80
N ARG A 69 -18.61 -14.69 11.77
CA ARG A 69 -19.98 -14.19 11.93
C ARG A 69 -20.89 -15.27 12.53
N VAL A 70 -20.79 -16.48 11.97
CA VAL A 70 -21.54 -17.61 12.48
C VAL A 70 -21.19 -17.87 13.93
N ASN A 71 -19.90 -17.85 14.24
CA ASN A 71 -19.45 -18.02 15.62
C ASN A 71 -20.03 -16.97 16.56
N ARG A 72 -20.11 -15.74 16.07
CA ARG A 72 -20.67 -14.64 16.87
C ARG A 72 -22.16 -14.87 17.13
N GLU A 73 -22.88 -15.34 16.12
CA GLU A 73 -24.28 -15.67 16.29
C GLU A 73 -24.46 -16.80 17.29
N ILE A 74 -23.60 -17.82 17.17
CA ILE A 74 -23.59 -18.96 18.10
C ILE A 74 -23.40 -18.49 19.53
N VAL A 75 -22.44 -17.61 19.75
CA VAL A 75 -22.13 -17.10 21.08
C VAL A 75 -23.28 -16.26 21.61
N GLU A 76 -23.89 -15.46 20.74
CA GLU A 76 -25.04 -14.65 21.12
C GLU A 76 -26.17 -15.53 21.63
N HIS A 77 -26.58 -16.48 20.79
CA HIS A 77 -27.64 -17.41 21.15
C HIS A 77 -27.29 -18.25 22.37
N MET A 78 -25.99 -18.48 22.56
CA MET A 78 -25.51 -19.26 23.71
C MET A 78 -25.68 -18.50 25.00
N VAL A 79 -25.32 -17.21 24.98
CA VAL A 79 -25.45 -16.36 26.15
C VAL A 79 -26.92 -16.16 26.49
N GLN A 80 -27.76 -16.02 25.46
CA GLN A 80 -29.18 -15.83 25.67
C GLN A 80 -29.88 -17.12 26.12
N HIS A 81 -29.32 -18.26 25.74
CA HIS A 81 -29.93 -19.55 26.07
C HIS A 81 -29.56 -20.01 27.48
N PHE A 82 -28.26 -20.11 27.74
CA PHE A 82 -27.78 -20.56 29.05
C PHE A 82 -27.64 -19.39 30.02
N LYS A 83 -28.60 -18.45 29.94
CA LYS A 83 -28.60 -17.28 30.80
C LYS A 83 -28.86 -17.65 32.25
N THR A 84 -29.66 -18.70 32.44
CA THR A 84 -30.10 -19.10 33.77
C THR A 84 -28.97 -19.69 34.61
N GLN A 85 -28.21 -20.62 34.03
CA GLN A 85 -27.24 -21.39 34.80
C GLN A 85 -25.79 -20.94 34.59
N ILE A 86 -25.54 -20.21 33.50
CA ILE A 86 -24.16 -19.86 33.17
C ILE A 86 -23.89 -18.36 33.24
N PHE A 87 -24.43 -17.59 32.30
CA PHE A 87 -23.98 -16.21 32.15
C PHE A 87 -24.70 -15.22 33.06
N GLY A 88 -26.02 -15.31 33.12
CA GLY A 88 -26.80 -14.40 33.94
C GLY A 88 -26.99 -13.05 33.27
N ASP A 89 -26.80 -11.98 34.04
CA ASP A 89 -26.98 -10.62 33.53
C ASP A 89 -25.71 -10.09 32.88
N ARG A 90 -24.64 -10.87 32.96
CA ARG A 90 -23.37 -10.48 32.38
C ARG A 90 -23.41 -10.43 30.85
N LYS A 91 -22.70 -9.46 30.28
CA LYS A 91 -22.62 -9.31 28.84
C LYS A 91 -21.19 -9.49 28.37
N PRO A 92 -20.82 -10.75 28.07
CA PRO A 92 -19.43 -10.99 27.64
C PRO A 92 -19.19 -10.53 26.20
N VAL A 93 -17.93 -10.36 25.84
CA VAL A 93 -17.56 -9.93 24.50
C VAL A 93 -16.75 -11.02 23.80
N PHE A 94 -16.90 -11.10 22.47
CA PHE A 94 -16.40 -12.22 21.71
C PHE A 94 -15.56 -11.74 20.52
N ASP A 95 -14.52 -12.51 20.18
CA ASP A 95 -13.57 -12.10 19.14
C ASP A 95 -13.81 -12.84 17.82
N GLY A 96 -14.84 -13.69 17.81
CA GLY A 96 -15.23 -14.39 16.59
C GLY A 96 -14.57 -15.73 16.41
N ARG A 97 -13.51 -15.97 17.17
CA ARG A 97 -12.72 -17.19 16.99
C ARG A 97 -12.89 -18.16 18.16
N LYS A 98 -12.04 -18.01 19.18
CA LYS A 98 -12.03 -18.96 20.29
C LYS A 98 -12.03 -18.28 21.65
N ASN A 99 -11.92 -16.95 21.66
CA ASN A 99 -11.75 -16.23 22.91
C ASN A 99 -12.97 -15.43 23.33
N LEU A 100 -13.41 -15.66 24.57
CA LEU A 100 -14.52 -14.93 25.16
C LEU A 100 -14.10 -14.30 26.48
N TYR A 101 -14.38 -13.01 26.65
CA TYR A 101 -13.99 -12.28 27.85
C TYR A 101 -15.20 -11.83 28.67
N THR A 102 -15.03 -11.81 30.00
CA THR A 102 -16.09 -11.33 30.89
C THR A 102 -15.58 -10.30 31.89
N ALA A 103 -16.45 -9.38 32.27
CA ALA A 103 -16.11 -8.33 33.22
C ALA A 103 -15.96 -8.89 34.62
N MET A 104 -16.88 -9.77 35.01
CA MET A 104 -16.81 -10.45 36.29
C MET A 104 -16.91 -11.96 36.05
N PRO A 105 -16.26 -12.76 36.89
CA PRO A 105 -16.16 -14.19 36.71
C PRO A 105 -17.40 -15.00 36.58
N LEU A 106 -17.31 -15.93 35.63
CA LEU A 106 -18.35 -16.87 35.31
C LEU A 106 -18.42 -17.97 36.34
N PRO A 107 -19.60 -18.41 36.68
CA PRO A 107 -19.68 -19.42 37.72
C PRO A 107 -19.39 -20.83 37.27
N ILE A 108 -18.28 -21.02 36.60
CA ILE A 108 -18.03 -22.37 36.17
C ILE A 108 -16.80 -23.00 36.80
N GLY A 109 -16.01 -22.18 37.46
CA GLY A 109 -14.81 -22.66 38.08
C GLY A 109 -13.74 -22.97 37.07
N ARG A 110 -12.75 -23.71 37.51
CA ARG A 110 -11.67 -24.08 36.65
C ARG A 110 -12.14 -24.98 35.55
N ASP A 111 -13.04 -25.91 35.88
CA ASP A 111 -13.54 -26.94 34.95
C ASP A 111 -14.34 -26.57 33.70
N LYS A 112 -13.98 -27.22 32.58
CA LYS A 112 -14.59 -27.04 31.27
C LYS A 112 -16.01 -27.57 31.18
N VAL A 113 -16.88 -26.81 30.53
CA VAL A 113 -18.27 -27.20 30.35
C VAL A 113 -18.63 -27.33 28.89
N GLU A 114 -19.48 -28.28 28.56
CA GLU A 114 -19.90 -28.48 27.18
C GLU A 114 -21.37 -28.13 27.10
N LEU A 115 -21.80 -27.60 25.98
CA LEU A 115 -23.18 -27.23 25.82
C LEU A 115 -23.56 -27.39 24.40
N GLU A 116 -24.86 -27.36 24.14
CA GLU A 116 -25.35 -27.45 22.79
C GLU A 116 -26.15 -26.22 22.50
N VAL A 117 -25.89 -25.62 21.36
CA VAL A 117 -26.60 -24.43 20.92
C VAL A 117 -27.20 -24.67 19.54
N THR A 118 -28.51 -24.56 19.44
CA THR A 118 -29.19 -24.76 18.17
C THR A 118 -29.48 -23.43 17.50
N LEU A 119 -29.06 -23.31 16.25
CA LEU A 119 -29.33 -22.12 15.46
C LEU A 119 -30.46 -22.34 14.48
N PRO A 120 -31.46 -21.44 14.53
CA PRO A 120 -32.62 -21.27 13.64
C PRO A 120 -32.26 -20.50 12.38
N ASP A 125 -32.02 -24.94 12.71
CA ASP A 125 -31.84 -26.19 11.99
C ASP A 125 -30.44 -26.78 12.19
N ARG A 126 -29.53 -26.03 12.81
CA ARG A 126 -28.21 -26.62 13.04
C ARG A 126 -27.84 -26.73 14.53
N ILE A 127 -27.18 -27.84 14.87
CA ILE A 127 -26.75 -28.08 16.24
C ILE A 127 -25.24 -27.85 16.38
N PHE A 128 -24.87 -27.04 17.36
CA PHE A 128 -23.46 -26.74 17.61
C PHE A 128 -23.02 -27.16 19.01
N LYS A 129 -21.90 -27.87 19.09
CA LYS A 129 -21.32 -28.22 20.38
C LYS A 129 -20.29 -27.17 20.77
N VAL A 130 -20.55 -26.47 21.87
CA VAL A 130 -19.66 -25.40 22.31
C VAL A 130 -19.13 -25.65 23.72
N SER A 131 -17.83 -25.88 23.83
CA SER A 131 -17.19 -26.08 25.13
C SER A 131 -16.48 -24.82 25.59
N ILE A 132 -16.68 -24.47 26.87
CA ILE A 132 -16.08 -23.28 27.45
C ILE A 132 -15.29 -23.62 28.72
N LYS A 133 -14.02 -23.22 28.73
CA LYS A 133 -13.14 -23.45 29.87
C LYS A 133 -12.34 -22.21 30.21
N TRP A 134 -12.29 -21.88 31.49
CA TRP A 134 -11.51 -20.72 31.95
C TRP A 134 -10.03 -20.93 31.67
N VAL A 135 -9.43 -19.95 31.00
CA VAL A 135 -8.01 -20.02 30.67
C VAL A 135 -7.18 -19.06 31.50
N SER A 136 -7.53 -17.78 31.49
CA SER A 136 -6.61 -16.81 32.11
C SER A 136 -7.27 -15.58 32.72
N CYS A 137 -6.44 -14.72 33.29
CA CYS A 137 -6.88 -13.44 33.81
C CYS A 137 -6.14 -12.33 33.11
N VAL A 138 -6.87 -11.28 32.76
CA VAL A 138 -6.26 -10.13 32.10
C VAL A 138 -6.20 -8.96 33.07
N SER A 139 -5.00 -8.68 33.60
CA SER A 139 -4.81 -7.60 34.55
C SER A 139 -4.74 -6.24 33.89
N LEU A 140 -5.77 -5.42 34.09
CA LEU A 140 -5.76 -4.07 33.54
C LEU A 140 -4.74 -3.19 34.26
N GLN A 141 -4.44 -3.53 35.51
CA GLN A 141 -3.45 -2.78 36.29
C GLN A 141 -2.05 -2.90 35.70
N ALA A 142 -1.67 -4.12 35.30
CA ALA A 142 -0.38 -4.35 34.65
C ALA A 142 -0.22 -3.47 33.42
N LEU A 143 -1.27 -3.41 32.60
CA LEU A 143 -1.33 -2.52 31.44
C LEU A 143 -1.19 -1.05 31.84
N HIS A 144 -2.05 -0.62 32.76
CA HIS A 144 -1.97 0.72 33.35
C HIS A 144 -0.54 1.13 33.72
N ASP A 145 0.17 0.23 34.41
CA ASP A 145 1.53 0.50 34.88
C ASP A 145 2.56 0.47 33.74
N ALA A 146 2.33 -0.38 32.75
CA ALA A 146 3.18 -0.42 31.55
C ALA A 146 3.24 0.96 30.87
N LEU A 147 2.08 1.63 30.82
CA LEU A 147 1.97 3.00 30.34
C LEU A 147 2.84 3.97 31.14
N SER A 148 3.32 3.53 32.29
CA SER A 148 4.14 4.35 33.19
C SER A 148 5.41 3.64 33.66
N GLY A 149 6.36 3.44 32.75
CA GLY A 149 7.69 3.00 33.11
C GLY A 149 7.81 1.59 33.68
N ARG A 150 7.18 0.63 33.01
CA ARG A 150 7.42 -0.79 33.28
C ARG A 150 7.52 -1.51 31.94
N LEU A 151 8.50 -1.09 31.13
CA LEU A 151 8.70 -1.63 29.78
C LEU A 151 8.64 -3.15 29.70
N VAL A 154 5.07 -3.77 27.19
CA VAL A 154 3.62 -3.59 27.18
C VAL A 154 2.90 -4.89 26.82
N PRO A 155 1.96 -5.33 27.67
CA PRO A 155 1.20 -6.56 27.45
C PRO A 155 0.26 -6.47 26.25
N PHE A 156 0.50 -7.31 25.25
CA PHE A 156 -0.26 -7.29 24.00
C PHE A 156 -1.64 -7.91 24.17
N GLU A 157 -1.72 -8.93 25.03
CA GLU A 157 -2.97 -9.65 25.26
C GLU A 157 -4.03 -8.76 25.89
N THR A 158 -3.58 -7.83 26.73
CA THR A 158 -4.49 -6.90 27.39
C THR A 158 -5.06 -5.90 26.40
N ILE A 159 -4.19 -5.36 25.55
CA ILE A 159 -4.62 -4.45 24.50
C ILE A 159 -5.59 -5.15 23.57
N GLN A 160 -5.31 -6.41 23.25
CA GLN A 160 -6.18 -7.18 22.37
C GLN A 160 -7.53 -7.45 23.04
N ALA A 161 -7.50 -7.67 24.36
CA ALA A 161 -8.73 -7.85 25.12
C ALA A 161 -9.60 -6.60 25.05
N LEU A 162 -8.97 -5.45 25.30
CA LEU A 162 -9.67 -4.18 25.19
C LEU A 162 -10.23 -3.97 23.79
N ASP A 163 -9.47 -4.40 22.79
CA ASP A 163 -9.89 -4.29 21.39
C ASP A 163 -11.17 -5.10 21.16
N VAL A 164 -11.15 -6.35 21.62
CA VAL A 164 -12.31 -7.22 21.51
C VAL A 164 -13.52 -6.59 22.17
N VAL A 165 -13.33 -6.07 23.39
CA VAL A 165 -14.41 -5.42 24.12
C VAL A 165 -15.00 -4.26 23.33
N MET A 166 -14.11 -3.41 22.80
CA MET A 166 -14.54 -2.21 22.08
C MET A 166 -15.21 -2.50 20.73
N ARG A 167 -14.83 -3.60 20.09
CA ARG A 167 -15.35 -3.87 18.76
C ARG A 167 -16.30 -5.06 18.71
N HIS A 168 -16.74 -5.50 19.88
CA HIS A 168 -17.70 -6.60 19.96
C HIS A 168 -19.01 -6.26 19.26
N LEU A 169 -19.56 -5.09 19.58
CA LEU A 169 -20.85 -4.66 19.03
C LEU A 169 -20.81 -4.26 17.55
N PRO A 170 -19.83 -3.42 17.14
CA PRO A 170 -19.80 -3.08 15.71
C PRO A 170 -19.56 -4.30 14.81
N SER A 171 -18.93 -5.34 15.35
CA SER A 171 -18.70 -6.57 14.60
C SER A 171 -20.02 -7.26 14.28
N MET A 172 -20.99 -7.10 15.17
CA MET A 172 -22.30 -7.72 14.99
C MET A 172 -23.25 -6.80 14.24
N ARG A 173 -22.95 -5.50 14.25
CA ARG A 173 -23.79 -4.53 13.56
C ARG A 173 -23.40 -4.30 12.10
N TYR A 174 -22.10 -4.36 11.82
CA TYR A 174 -21.60 -4.03 10.49
C TYR A 174 -20.74 -5.14 9.89
N THR A 175 -20.20 -4.90 8.70
CA THR A 175 -19.37 -5.88 8.01
C THR A 175 -17.89 -5.62 8.30
N PRO A 176 -17.28 -6.49 9.11
CA PRO A 176 -15.88 -6.30 9.53
C PRO A 176 -14.88 -6.60 8.44
N VAL A 177 -13.97 -5.65 8.20
CA VAL A 177 -12.88 -5.85 7.26
C VAL A 177 -11.57 -5.49 7.94
N GLY A 178 -10.84 -6.48 8.41
CA GLY A 178 -9.64 -6.24 9.19
C GLY A 178 -10.00 -5.51 10.47
N ARG A 179 -9.45 -4.31 10.64
CA ARG A 179 -9.75 -3.51 11.82
C ARG A 179 -10.80 -2.45 11.51
N SER A 180 -11.51 -2.62 10.40
CA SER A 180 -12.51 -1.66 10.00
C SER A 180 -13.91 -2.27 9.95
N PHE A 181 -14.91 -1.43 9.71
CA PHE A 181 -16.28 -1.88 9.56
C PHE A 181 -16.93 -1.11 8.43
N PHE A 182 -17.76 -1.78 7.63
CA PHE A 182 -18.43 -1.15 6.50
C PHE A 182 -19.88 -1.59 6.36
N THR A 183 -20.69 -0.76 5.71
CA THR A 183 -22.07 -1.11 5.37
C THR A 183 -22.47 -0.62 3.99
N ALA A 184 -23.69 -0.95 3.58
CA ALA A 184 -24.23 -0.49 2.30
C ALA A 184 -25.22 0.65 2.51
N SER A 185 -24.98 1.78 1.85
CA SER A 185 -25.85 2.95 1.97
C SER A 185 -27.17 2.72 1.25
N SER A 189 -25.64 2.59 -4.27
CA SER A 189 -25.93 3.77 -5.07
C SER A 189 -24.70 4.65 -5.26
N ASN A 190 -23.53 4.02 -5.16
CA ASN A 190 -22.24 4.68 -5.42
C ASN A 190 -21.43 3.89 -6.42
N PRO A 191 -21.89 3.80 -7.67
CA PRO A 191 -21.24 2.91 -8.64
C PRO A 191 -19.81 3.30 -8.96
N LEU A 192 -18.95 2.30 -9.12
CA LEU A 192 -17.58 2.52 -9.58
C LEU A 192 -17.48 2.01 -11.02
N GLY A 193 -18.46 1.20 -11.40
CA GLY A 193 -18.39 0.46 -12.65
C GLY A 193 -17.50 -0.75 -12.48
N GLY A 194 -17.64 -1.73 -13.35
CA GLY A 194 -16.87 -2.95 -13.27
C GLY A 194 -17.53 -4.01 -12.41
N GLY A 195 -18.75 -3.70 -11.97
CA GLY A 195 -19.48 -4.58 -11.06
C GLY A 195 -19.17 -4.22 -9.62
N ARG A 196 -18.57 -3.05 -9.43
CA ARG A 196 -18.08 -2.65 -8.11
C ARG A 196 -18.87 -1.47 -7.54
N GLU A 197 -18.76 -1.30 -6.23
CA GLU A 197 -19.46 -0.23 -5.52
C GLU A 197 -18.58 0.36 -4.43
N VAL A 198 -18.97 1.53 -3.92
CA VAL A 198 -18.25 2.14 -2.82
C VAL A 198 -19.00 1.94 -1.52
N TRP A 199 -18.32 1.37 -0.53
CA TRP A 199 -18.90 1.23 0.80
C TRP A 199 -18.21 2.15 1.80
N PHE A 200 -18.98 2.99 2.48
CA PHE A 200 -18.44 3.85 3.52
C PHE A 200 -18.47 3.14 4.86
N GLY A 201 -17.44 3.38 5.67
CA GLY A 201 -17.35 2.79 6.99
C GLY A 201 -16.32 3.50 7.84
N PHE A 202 -15.70 2.78 8.77
CA PHE A 202 -14.74 3.41 9.65
C PHE A 202 -13.71 2.44 10.21
N HIS A 203 -12.55 2.99 10.59
CA HIS A 203 -11.50 2.22 11.24
C HIS A 203 -11.49 2.48 12.74
N GLN A 204 -11.34 1.43 13.52
CA GLN A 204 -11.31 1.54 14.97
C GLN A 204 -10.24 0.63 15.56
N SER A 205 -9.36 1.19 16.39
CA SER A 205 -8.29 0.38 16.97
C SER A 205 -7.83 0.92 18.33
N VAL A 206 -7.69 0.01 19.30
CA VAL A 206 -7.19 0.36 20.62
C VAL A 206 -5.67 0.46 20.58
N ARG A 207 -5.14 1.56 21.09
CA ARG A 207 -3.74 1.91 20.89
C ARG A 207 -3.11 2.47 22.16
N PRO A 208 -1.91 2.04 22.51
CA PRO A 208 -1.19 2.58 23.65
C PRO A 208 -0.48 3.87 23.39
N SER A 209 -0.33 4.69 24.39
CA SER A 209 0.37 5.92 24.19
C SER A 209 0.85 6.20 25.54
N LEU A 210 1.72 7.16 25.71
CA LEU A 210 2.21 7.46 27.05
C LEU A 210 1.11 7.82 28.02
N TRP A 211 1.10 7.16 29.16
CA TRP A 211 0.15 7.42 30.21
C TRP A 211 -1.22 6.85 30.03
N LYS A 212 -1.85 7.10 28.90
CA LYS A 212 -3.20 6.61 28.69
C LYS A 212 -3.43 5.66 27.55
N MET A 213 -4.64 5.16 27.47
CA MET A 213 -5.00 4.27 26.38
C MET A 213 -5.81 5.09 25.38
N MET A 214 -5.45 5.00 24.09
CA MET A 214 -6.14 5.79 23.08
C MET A 214 -7.03 4.94 22.19
N LEU A 215 -8.12 5.53 21.74
CA LEU A 215 -8.99 4.90 20.78
C LEU A 215 -8.85 5.61 19.44
N ASN A 216 -8.24 4.94 18.47
CA ASN A 216 -8.03 5.51 17.15
C ASN A 216 -9.28 5.31 16.29
N ILE A 217 -9.89 6.42 15.90
CA ILE A 217 -11.12 6.39 15.11
C ILE A 217 -10.95 7.22 13.85
N ASP A 218 -11.19 6.60 12.70
CA ASP A 218 -11.07 7.29 11.43
C ASP A 218 -12.19 6.88 10.47
N VAL A 219 -12.50 7.76 9.52
CA VAL A 219 -13.51 7.45 8.52
C VAL A 219 -12.85 6.78 7.33
N SER A 220 -13.40 5.64 6.92
CA SER A 220 -12.83 4.89 5.81
C SER A 220 -13.87 4.58 4.73
N ALA A 221 -13.39 4.09 3.60
CA ALA A 221 -14.25 3.70 2.49
C ALA A 221 -13.48 2.79 1.54
N THR A 222 -14.13 1.74 1.05
CA THR A 222 -13.46 0.78 0.18
C THR A 222 -14.40 0.21 -0.88
N ALA A 223 -13.83 -0.57 -1.79
CA ALA A 223 -14.58 -1.12 -2.91
C ALA A 223 -15.15 -2.50 -2.59
N PHE A 224 -16.43 -2.68 -2.92
CA PHE A 224 -17.10 -3.97 -2.74
C PHE A 224 -17.69 -4.42 -4.07
N TYR A 225 -18.23 -5.63 -4.09
CA TYR A 225 -18.93 -6.13 -5.26
C TYR A 225 -20.43 -6.05 -5.04
N LYS A 226 -21.15 -5.57 -6.05
CA LYS A 226 -22.60 -5.40 -5.95
C LYS A 226 -23.32 -6.74 -5.76
N ALA A 227 -24.44 -6.69 -5.05
CA ALA A 227 -25.29 -7.86 -4.89
C ALA A 227 -26.24 -7.98 -6.07
N GLN A 228 -25.71 -8.46 -7.18
CA GLN A 228 -26.48 -8.54 -8.43
C GLN A 228 -26.35 -9.92 -9.07
N PRO A 229 -27.35 -10.30 -9.90
CA PRO A 229 -27.24 -11.54 -10.68
C PRO A 229 -25.98 -11.56 -11.53
N VAL A 230 -25.42 -12.75 -11.73
CA VAL A 230 -24.17 -12.89 -12.47
C VAL A 230 -24.34 -12.40 -13.91
N ILE A 231 -25.54 -12.50 -14.44
CA ILE A 231 -25.85 -11.98 -15.77
C ILE A 231 -25.51 -10.49 -15.87
N GLU A 232 -26.08 -9.70 -14.97
CA GLU A 232 -25.84 -8.26 -14.96
C GLU A 232 -24.38 -7.95 -14.64
N PHE A 233 -23.74 -8.85 -13.91
CA PHE A 233 -22.31 -8.73 -13.63
C PHE A 233 -21.52 -8.83 -14.92
N VAL A 234 -21.88 -9.80 -15.76
CA VAL A 234 -21.29 -9.96 -17.08
C VAL A 234 -21.56 -8.72 -17.92
N CYS A 235 -22.76 -8.19 -17.80
CA CYS A 235 -23.14 -6.98 -18.53
C CYS A 235 -22.28 -5.78 -18.16
N GLU A 236 -22.03 -5.60 -16.87
CA GLU A 236 -21.25 -4.46 -16.40
C GLU A 236 -19.75 -4.65 -16.63
N VAL A 237 -19.32 -5.91 -16.69
CA VAL A 237 -17.91 -6.22 -16.93
C VAL A 237 -17.57 -6.09 -18.41
N LEU A 238 -18.46 -6.57 -19.27
CA LEU A 238 -18.22 -6.54 -20.71
C LEU A 238 -18.93 -5.38 -21.39
N ASP A 239 -19.35 -4.40 -20.59
CA ASP A 239 -20.03 -3.19 -21.08
C ASP A 239 -21.26 -3.47 -21.93
N PHE A 240 -22.09 -4.42 -21.48
CA PHE A 240 -23.34 -4.70 -22.16
C PHE A 240 -24.46 -3.84 -21.60
N LYS A 241 -25.27 -3.26 -22.47
CA LYS A 241 -26.46 -2.52 -22.03
C LYS A 241 -27.55 -3.50 -21.66
N SER A 242 -27.47 -4.70 -22.22
CA SER A 242 -28.40 -5.78 -21.92
C SER A 242 -27.77 -7.11 -22.29
N ILE A 243 -28.27 -8.19 -21.70
CA ILE A 243 -27.74 -9.52 -22.00
C ILE A 243 -28.36 -10.04 -23.30
N GLU A 244 -29.35 -9.31 -23.80
CA GLU A 244 -30.00 -9.66 -25.06
C GLU A 244 -29.02 -9.52 -26.22
N GLU A 245 -28.18 -8.48 -26.17
CA GLU A 245 -27.08 -8.37 -27.11
C GLU A 245 -26.08 -9.47 -26.76
N GLN A 246 -25.19 -9.79 -27.69
CA GLN A 246 -24.34 -10.97 -27.58
C GLN A 246 -25.23 -12.20 -27.42
N GLN A 247 -26.06 -12.44 -28.43
CA GLN A 247 -26.97 -13.59 -28.45
C GLN A 247 -26.21 -14.83 -28.90
N LYS A 248 -24.89 -14.68 -29.04
CA LYS A 248 -24.00 -15.77 -29.42
C LYS A 248 -23.08 -16.09 -28.24
N PRO A 249 -22.41 -17.26 -28.28
CA PRO A 249 -21.40 -17.57 -27.26
C PRO A 249 -20.30 -16.52 -27.18
N LEU A 250 -19.73 -16.35 -26.01
CA LEU A 250 -18.69 -15.39 -25.78
C LEU A 250 -17.41 -15.63 -26.51
N THR A 251 -16.75 -14.52 -26.81
CA THR A 251 -15.47 -14.48 -27.46
C THR A 251 -14.62 -15.07 -26.40
N ASP A 252 -13.52 -15.69 -26.79
CA ASP A 252 -12.62 -16.22 -25.81
C ASP A 252 -12.12 -15.02 -25.06
N SER A 253 -11.97 -13.94 -25.80
CA SER A 253 -11.47 -12.71 -25.24
C SER A 253 -12.33 -12.34 -24.07
N GLN A 254 -13.63 -12.40 -24.28
CA GLN A 254 -14.59 -12.08 -23.26
C GLN A 254 -14.54 -13.07 -22.12
N ARG A 255 -14.44 -14.34 -22.44
CA ARG A 255 -14.49 -15.36 -21.42
C ARG A 255 -13.35 -15.17 -20.51
N VAL A 256 -12.21 -14.85 -21.08
CA VAL A 256 -11.02 -14.72 -20.25
C VAL A 256 -11.18 -13.54 -19.28
N LYS A 257 -11.71 -12.43 -19.77
CA LYS A 257 -11.92 -11.26 -18.92
C LYS A 257 -12.92 -11.55 -17.79
N PHE A 258 -14.10 -12.05 -18.15
CA PHE A 258 -15.12 -12.39 -17.15
C PHE A 258 -14.61 -13.42 -16.16
N THR A 259 -13.82 -14.37 -16.66
CA THR A 259 -13.18 -15.37 -15.80
C THR A 259 -12.28 -14.69 -14.79
N LYS A 260 -11.43 -13.78 -15.26
CA LYS A 260 -10.50 -13.08 -14.37
C LYS A 260 -11.22 -12.10 -13.43
N GLU A 261 -12.46 -11.79 -13.74
CA GLU A 261 -13.24 -10.89 -12.90
C GLU A 261 -13.99 -11.62 -11.79
N ILE A 262 -14.59 -12.76 -12.13
CA ILE A 262 -15.47 -13.43 -11.18
C ILE A 262 -14.76 -14.53 -10.39
N LYS A 263 -13.55 -14.89 -10.82
CA LYS A 263 -12.82 -15.98 -10.17
C LYS A 263 -12.45 -15.67 -8.73
N GLY A 264 -12.84 -16.56 -7.83
CA GLY A 264 -12.56 -16.38 -6.42
C GLY A 264 -13.71 -15.75 -5.65
N LEU A 265 -14.70 -15.26 -6.38
CA LEU A 265 -15.85 -14.61 -5.76
C LEU A 265 -16.93 -15.62 -5.37
N LYS A 266 -17.67 -15.30 -4.31
CA LYS A 266 -18.75 -16.16 -3.87
C LYS A 266 -20.04 -15.84 -4.60
N VAL A 267 -20.76 -16.88 -5.01
CA VAL A 267 -22.08 -16.73 -5.60
C VAL A 267 -23.09 -17.52 -4.79
N GLU A 268 -24.38 -17.38 -5.12
CA GLU A 268 -25.42 -18.11 -4.41
C GLU A 268 -26.59 -18.43 -5.33
N ILE A 269 -27.20 -19.59 -5.10
CA ILE A 269 -28.27 -20.09 -5.96
C ILE A 269 -29.61 -19.46 -5.61
N THR A 270 -30.38 -19.10 -6.64
CA THR A 270 -31.67 -18.47 -6.45
C THR A 270 -32.77 -19.47 -6.09
N HIS A 271 -32.41 -20.75 -6.01
CA HIS A 271 -33.37 -21.81 -5.69
C HIS A 271 -33.93 -21.66 -4.27
N LYS A 278 -24.58 -21.13 -0.76
CA LYS A 278 -23.47 -20.30 -1.23
C LYS A 278 -22.31 -21.15 -1.74
N TYR A 279 -21.75 -20.75 -2.88
CA TYR A 279 -20.65 -21.48 -3.50
C TYR A 279 -19.47 -20.55 -3.81
N ARG A 280 -18.29 -21.13 -3.94
CA ARG A 280 -17.10 -20.36 -4.29
C ARG A 280 -16.66 -20.64 -5.72
N VAL A 281 -16.77 -19.63 -6.57
CA VAL A 281 -16.41 -19.77 -7.98
C VAL A 281 -14.93 -20.02 -8.15
N CYS A 282 -14.58 -21.22 -8.61
CA CYS A 282 -13.17 -21.58 -8.77
C CYS A 282 -12.73 -21.48 -10.22
N ASN A 283 -13.68 -21.54 -11.16
CA ASN A 283 -13.35 -21.40 -12.57
C ASN A 283 -14.55 -21.04 -13.43
N VAL A 284 -14.29 -20.73 -14.71
CA VAL A 284 -15.35 -20.48 -15.67
C VAL A 284 -15.15 -21.37 -16.90
N THR A 285 -16.18 -22.15 -17.24
CA THR A 285 -16.09 -23.11 -18.32
C THR A 285 -15.88 -22.46 -19.68
N ARG A 286 -15.25 -23.20 -20.59
CA ARG A 286 -15.06 -22.73 -21.96
C ARG A 286 -16.31 -23.05 -22.77
N ARG A 287 -16.88 -24.22 -22.52
CA ARG A 287 -18.05 -24.70 -23.24
C ARG A 287 -19.33 -24.06 -22.70
N PRO A 288 -20.32 -23.84 -23.57
CA PRO A 288 -21.61 -23.29 -23.14
C PRO A 288 -22.41 -24.27 -22.29
N ALA A 289 -23.45 -23.79 -21.63
CA ALA A 289 -24.26 -24.61 -20.73
C ALA A 289 -25.03 -25.70 -21.48
N SER A 290 -25.14 -25.52 -22.80
CA SER A 290 -25.86 -26.47 -23.64
C SER A 290 -25.00 -27.68 -23.99
N HIS A 291 -23.68 -27.53 -23.85
CA HIS A 291 -22.75 -28.57 -24.27
C HIS A 291 -21.79 -29.00 -23.17
N GLN A 292 -21.69 -28.20 -22.11
CA GLN A 292 -20.84 -28.55 -20.98
C GLN A 292 -21.44 -29.75 -20.24
N THR A 293 -20.62 -30.78 -20.01
CA THR A 293 -21.14 -32.01 -19.44
C THR A 293 -20.52 -32.34 -18.09
N PHE A 294 -21.12 -33.32 -17.40
CA PHE A 294 -20.60 -33.82 -16.15
C PHE A 294 -21.05 -35.27 -15.96
N PRO A 295 -20.23 -36.09 -15.29
CA PRO A 295 -20.56 -37.50 -15.05
C PRO A 295 -21.77 -37.69 -14.13
N LEU A 296 -22.88 -38.13 -14.70
CA LEU A 296 -24.11 -38.33 -13.93
C LEU A 296 -24.34 -39.79 -13.61
N GLN A 297 -24.56 -40.10 -12.34
CA GLN A 297 -24.81 -41.47 -11.93
C GLN A 297 -26.28 -41.83 -11.98
N GLN A 298 -26.63 -42.73 -12.89
CA GLN A 298 -28.01 -43.20 -13.01
C GLN A 298 -28.33 -44.19 -11.90
N GLU A 299 -29.62 -44.46 -11.70
CA GLU A 299 -30.06 -45.33 -10.61
C GLU A 299 -29.58 -46.76 -10.75
N SER A 300 -29.17 -47.14 -11.97
CA SER A 300 -28.62 -48.47 -12.20
C SER A 300 -27.19 -48.54 -11.68
N GLY A 301 -26.55 -47.38 -11.53
CA GLY A 301 -25.18 -47.32 -11.07
C GLY A 301 -24.25 -46.83 -12.16
N GLN A 302 -24.65 -47.03 -13.41
CA GLN A 302 -23.85 -46.64 -14.55
C GLN A 302 -23.76 -45.11 -14.66
N THR A 303 -22.57 -44.61 -15.00
CA THR A 303 -22.38 -43.17 -15.17
C THR A 303 -22.41 -42.78 -16.63
N VAL A 304 -23.09 -41.68 -16.93
CA VAL A 304 -23.15 -41.17 -18.29
C VAL A 304 -22.98 -39.64 -18.28
N GLU A 305 -22.23 -39.13 -19.25
CA GLU A 305 -22.03 -37.69 -19.35
C GLU A 305 -23.36 -36.98 -19.64
N CYS A 306 -23.66 -35.95 -18.86
CA CYS A 306 -24.91 -35.22 -19.01
C CYS A 306 -24.66 -33.72 -19.08
N THR A 307 -25.31 -33.06 -20.02
CA THR A 307 -25.15 -31.61 -20.17
C THR A 307 -25.81 -30.87 -19.01
N VAL A 308 -25.28 -29.70 -18.68
CA VAL A 308 -25.81 -28.89 -17.60
C VAL A 308 -27.25 -28.46 -17.88
N ALA A 309 -27.51 -28.10 -19.13
CA ALA A 309 -28.85 -27.68 -19.55
C ALA A 309 -29.86 -28.81 -19.35
N GLN A 310 -29.48 -30.02 -19.77
CA GLN A 310 -30.36 -31.17 -19.65
C GLN A 310 -30.58 -31.53 -18.18
N TYR A 311 -29.54 -31.40 -17.37
CA TYR A 311 -29.65 -31.69 -15.95
C TYR A 311 -30.58 -30.71 -15.26
N PHE A 312 -30.52 -29.44 -15.67
CA PHE A 312 -31.38 -28.43 -15.09
C PHE A 312 -32.81 -28.54 -15.61
N LYS A 313 -32.97 -29.15 -16.78
CA LYS A 313 -34.30 -29.37 -17.33
C LYS A 313 -34.98 -30.57 -16.67
N ASP A 314 -34.17 -31.57 -16.30
CA ASP A 314 -34.69 -32.78 -15.67
C ASP A 314 -34.91 -32.59 -14.17
N ARG A 315 -33.85 -32.21 -13.48
CA ARG A 315 -33.85 -32.15 -12.02
C ARG A 315 -34.69 -30.99 -11.47
N HIS A 316 -34.49 -29.80 -12.03
CA HIS A 316 -35.11 -28.60 -11.47
C HIS A 316 -36.25 -28.05 -12.32
N LYS A 317 -36.61 -28.78 -13.37
CA LYS A 317 -37.70 -28.38 -14.27
C LYS A 317 -37.49 -26.98 -14.83
N LEU A 318 -36.23 -26.61 -15.05
CA LEU A 318 -35.90 -25.26 -15.48
C LEU A 318 -35.17 -25.25 -16.82
N VAL A 319 -35.75 -24.57 -17.79
CA VAL A 319 -35.12 -24.44 -19.11
C VAL A 319 -34.28 -23.16 -19.17
N LEU A 320 -32.98 -23.34 -19.39
CA LEU A 320 -32.05 -22.22 -19.40
C LEU A 320 -32.35 -21.21 -20.50
N ARG A 321 -32.55 -19.96 -20.11
CA ARG A 321 -32.82 -18.91 -21.08
C ARG A 321 -31.57 -18.53 -21.86
N TYR A 322 -30.41 -18.67 -21.24
CA TYR A 322 -29.15 -18.35 -21.91
C TYR A 322 -28.18 -19.53 -21.87
N PRO A 323 -28.47 -20.59 -22.64
CA PRO A 323 -27.63 -21.79 -22.66
C PRO A 323 -26.34 -21.61 -23.46
N HIS A 324 -26.28 -20.53 -24.25
CA HIS A 324 -25.11 -20.24 -25.06
C HIS A 324 -23.98 -19.67 -24.19
N LEU A 325 -24.34 -19.18 -23.00
CA LEU A 325 -23.37 -18.62 -22.06
C LEU A 325 -22.68 -19.73 -21.27
N PRO A 326 -21.42 -19.51 -20.88
CA PRO A 326 -20.66 -20.53 -20.15
C PRO A 326 -21.21 -20.80 -18.74
N CYS A 327 -20.49 -21.63 -17.99
CA CYS A 327 -20.89 -21.99 -16.64
C CYS A 327 -19.81 -21.62 -15.64
N LEU A 328 -20.21 -21.50 -14.37
CA LEU A 328 -19.27 -21.27 -13.29
C LEU A 328 -18.97 -22.59 -12.58
N GLN A 329 -17.73 -23.03 -12.69
CA GLN A 329 -17.28 -24.19 -11.92
C GLN A 329 -16.99 -23.76 -10.49
N VAL A 330 -17.73 -24.33 -9.56
CA VAL A 330 -17.60 -23.96 -8.14
C VAL A 330 -17.17 -25.15 -7.30
N GLY A 331 -16.84 -24.87 -6.05
CA GLY A 331 -16.39 -25.89 -5.13
C GLY A 331 -15.09 -26.53 -5.57
N GLN A 332 -14.89 -27.79 -5.19
CA GLN A 332 -13.71 -28.54 -5.61
C GLN A 332 -13.76 -28.84 -7.10
N GLU A 333 -12.59 -28.89 -7.74
CA GLU A 333 -12.52 -29.25 -9.15
C GLU A 333 -12.73 -30.75 -9.31
N GLN A 334 -12.57 -31.49 -8.21
CA GLN A 334 -12.84 -32.92 -8.20
C GLN A 334 -14.34 -33.18 -8.07
N LYS A 335 -15.08 -32.16 -7.64
CA LYS A 335 -16.52 -32.27 -7.46
C LYS A 335 -17.28 -32.17 -8.78
N HIS A 336 -16.68 -31.49 -9.76
CA HIS A 336 -17.29 -31.26 -11.05
C HIS A 336 -18.65 -30.57 -10.93
N THR A 337 -18.68 -29.43 -10.26
CA THR A 337 -19.93 -28.71 -10.06
C THR A 337 -20.00 -27.47 -10.94
N TYR A 338 -20.93 -27.48 -11.89
CA TYR A 338 -21.10 -26.39 -12.84
C TYR A 338 -22.45 -25.70 -12.67
N LEU A 339 -22.42 -24.37 -12.61
CA LEU A 339 -23.64 -23.58 -12.40
C LEU A 339 -23.87 -22.58 -13.52
N PRO A 340 -25.05 -22.62 -14.15
CA PRO A 340 -25.42 -21.62 -15.16
C PRO A 340 -25.38 -20.21 -14.58
N LEU A 341 -25.14 -19.22 -15.43
CA LEU A 341 -24.99 -17.85 -14.96
C LEU A 341 -26.32 -17.26 -14.46
N GLU A 342 -27.42 -17.70 -15.07
CA GLU A 342 -28.72 -17.10 -14.82
C GLU A 342 -29.35 -17.52 -13.49
N VAL A 343 -28.71 -18.46 -12.79
CA VAL A 343 -29.25 -18.94 -11.52
C VAL A 343 -28.33 -18.60 -10.35
N CYS A 344 -27.41 -17.67 -10.58
CA CYS A 344 -26.45 -17.28 -9.53
C CYS A 344 -26.45 -15.78 -9.27
N ASN A 345 -26.34 -15.42 -8.00
CA ASN A 345 -26.21 -14.02 -7.61
C ASN A 345 -24.89 -13.80 -6.88
N ILE A 346 -24.25 -12.66 -7.11
CA ILE A 346 -23.04 -12.31 -6.38
C ILE A 346 -23.36 -12.06 -4.91
N VAL A 347 -22.71 -12.80 -4.02
CA VAL A 347 -22.96 -12.67 -2.59
C VAL A 347 -22.57 -11.29 -2.08
N ALA A 348 -23.49 -10.63 -1.38
CA ALA A 348 -23.25 -9.28 -0.87
C ALA A 348 -22.21 -9.29 0.25
N GLY A 349 -21.46 -8.19 0.35
CA GLY A 349 -20.48 -8.05 1.40
C GLY A 349 -19.09 -8.52 1.02
N GLN A 350 -18.85 -8.72 -0.27
CA GLN A 350 -17.56 -9.17 -0.76
C GLN A 350 -16.67 -7.99 -1.14
N ARG A 351 -15.61 -7.78 -0.36
CA ARG A 351 -14.68 -6.68 -0.64
C ARG A 351 -13.87 -6.94 -1.91
N CYS A 352 -13.77 -5.92 -2.75
CA CYS A 352 -12.96 -6.00 -3.96
C CYS A 352 -11.48 -5.90 -3.62
N ILE A 353 -10.74 -6.97 -3.88
CA ILE A 353 -9.31 -7.01 -3.59
C ILE A 353 -8.48 -6.81 -4.86
N LYS A 354 -8.99 -7.28 -5.99
CA LYS A 354 -8.30 -7.14 -7.26
C LYS A 354 -8.14 -5.67 -7.63
N LYS A 355 -7.06 -5.35 -8.33
CA LYS A 355 -6.68 -3.97 -8.60
C LYS A 355 -7.75 -3.20 -9.37
N LEU A 356 -8.01 -1.98 -8.92
CA LEU A 356 -9.00 -1.12 -9.56
C LEU A 356 -8.44 -0.47 -10.82
N THR A 357 -9.32 -0.22 -11.80
CA THR A 357 -8.92 0.52 -12.99
C THR A 357 -8.69 1.97 -12.63
N ASP A 358 -8.02 2.71 -13.50
CA ASP A 358 -7.70 4.10 -13.21
C ASP A 358 -8.94 4.97 -13.06
N ASN A 359 -9.99 4.67 -13.82
CA ASN A 359 -11.24 5.40 -13.72
C ASN A 359 -11.97 5.09 -12.43
N GLN A 360 -11.96 3.81 -12.04
CA GLN A 360 -12.54 3.39 -10.78
C GLN A 360 -11.80 4.00 -9.60
N THR A 361 -10.46 3.99 -9.68
CA THR A 361 -9.63 4.59 -8.64
C THR A 361 -9.91 6.08 -8.53
N SER A 362 -10.04 6.74 -9.68
CA SER A 362 -10.32 8.17 -9.71
C SER A 362 -11.68 8.47 -9.08
N THR A 363 -12.68 7.66 -9.40
CA THR A 363 -14.02 7.84 -8.84
C THR A 363 -14.00 7.63 -7.32
N MET A 364 -13.26 6.61 -6.88
CA MET A 364 -13.07 6.36 -5.46
C MET A 364 -12.44 7.55 -4.76
N ILE A 365 -11.44 8.15 -5.40
CA ILE A 365 -10.80 9.35 -4.87
C ILE A 365 -11.81 10.49 -4.74
N ARG A 366 -12.53 10.77 -5.82
CA ARG A 366 -13.50 11.86 -5.85
C ARG A 366 -14.61 11.65 -4.83
N ALA A 367 -14.89 10.40 -4.48
CA ALA A 367 -15.96 10.09 -3.54
C ALA A 367 -15.46 10.09 -2.10
N THR A 368 -14.17 9.85 -1.91
CA THR A 368 -13.60 9.75 -0.57
C THR A 368 -12.88 11.03 -0.14
N ALA A 369 -12.17 11.66 -1.07
CA ALA A 369 -11.38 12.84 -0.77
C ALA A 369 -12.23 13.99 -0.26
N ARG A 370 -11.77 14.61 0.82
CA ARG A 370 -12.41 15.80 1.38
C ARG A 370 -11.41 16.52 2.28
N SER A 371 -11.61 17.81 2.47
CA SER A 371 -10.67 18.62 3.23
C SER A 371 -10.53 18.14 4.67
N ALA A 372 -9.41 18.48 5.29
CA ALA A 372 -9.15 18.10 6.68
C ALA A 372 -10.24 18.51 7.67
N PRO A 373 -10.75 19.77 7.60
CA PRO A 373 -11.84 20.10 8.52
C PRO A 373 -13.08 19.25 8.29
N ASP A 374 -13.38 18.96 7.03
CA ASP A 374 -14.51 18.11 6.70
C ASP A 374 -14.36 16.72 7.29
N ARG A 375 -13.19 16.11 7.09
CA ARG A 375 -12.93 14.77 7.62
C ARG A 375 -13.00 14.77 9.14
N GLN A 376 -12.48 15.83 9.75
CA GLN A 376 -12.51 15.98 11.20
C GLN A 376 -13.95 16.00 11.69
N GLU A 377 -14.79 16.76 11.01
CA GLU A 377 -16.20 16.85 11.36
C GLU A 377 -16.89 15.51 11.17
N GLU A 378 -16.48 14.77 10.14
CA GLU A 378 -17.10 13.47 9.87
C GLU A 378 -16.72 12.47 10.97
N ILE A 379 -15.50 12.60 11.49
CA ILE A 379 -15.05 11.76 12.60
C ILE A 379 -15.82 12.14 13.86
N SER A 380 -16.11 13.43 14.02
CA SER A 380 -16.93 13.88 15.14
C SER A 380 -18.35 13.29 15.07
N LYS A 381 -18.97 13.39 13.90
CA LYS A 381 -20.29 12.80 13.68
C LYS A 381 -20.25 11.30 13.91
N LEU A 382 -19.10 10.70 13.59
CA LEU A 382 -18.90 9.28 13.76
C LEU A 382 -18.86 8.91 15.25
N MET A 383 -18.22 9.77 16.04
CA MET A 383 -18.14 9.56 17.48
C MET A 383 -19.50 9.76 18.13
N ARG A 384 -20.25 10.74 17.62
CA ARG A 384 -21.59 11.02 18.11
C ARG A 384 -22.52 9.86 17.81
N SER A 385 -22.39 9.32 16.60
CA SER A 385 -23.22 8.22 16.14
C SER A 385 -22.90 6.93 16.90
N ALA A 386 -21.62 6.64 17.05
CA ALA A 386 -21.18 5.44 17.74
C ALA A 386 -21.63 5.45 19.20
N ASP A 387 -21.39 6.57 19.87
CA ASP A 387 -21.81 6.77 21.26
C ASP A 387 -21.32 5.64 22.16
N PHE A 388 -19.99 5.55 22.31
CA PHE A 388 -19.37 4.46 23.04
C PHE A 388 -19.78 4.40 24.50
N ASN A 389 -20.10 5.57 25.06
CA ASN A 389 -20.41 5.66 26.48
C ASN A 389 -21.74 5.02 26.85
N THR A 390 -22.59 4.77 25.86
CA THR A 390 -23.87 4.12 26.11
C THR A 390 -23.87 2.68 25.61
N ASP A 391 -22.74 2.26 25.06
CA ASP A 391 -22.57 0.88 24.63
C ASP A 391 -22.66 -0.04 25.84
N PRO A 392 -23.58 -1.01 25.80
CA PRO A 392 -23.81 -1.95 26.89
C PRO A 392 -22.55 -2.73 27.27
N TYR A 393 -21.72 -3.07 26.30
CA TYR A 393 -20.52 -3.85 26.54
C TYR A 393 -19.38 -2.98 27.06
N VAL A 394 -19.24 -1.79 26.48
CA VAL A 394 -18.26 -0.83 26.97
C VAL A 394 -18.61 -0.41 28.40
N ARG A 395 -19.91 -0.29 28.68
CA ARG A 395 -20.38 -0.01 30.03
C ARG A 395 -20.09 -1.19 30.95
N GLU A 396 -20.33 -2.40 30.45
CA GLU A 396 -20.14 -3.63 31.22
C GLU A 396 -18.73 -3.73 31.77
N PHE A 397 -17.75 -3.29 30.98
CA PHE A 397 -16.35 -3.37 31.39
C PHE A 397 -15.87 -2.06 32.01
N GLY A 398 -16.79 -1.12 32.20
CA GLY A 398 -16.48 0.13 32.88
C GLY A 398 -15.62 1.08 32.08
N ILE A 399 -15.42 0.78 30.81
CA ILE A 399 -14.61 1.62 29.94
C ILE A 399 -15.36 2.91 29.60
N MET A 400 -14.62 4.02 29.49
CA MET A 400 -15.22 5.29 29.13
C MET A 400 -14.35 6.02 28.11
N VAL A 401 -14.97 6.56 27.07
CA VAL A 401 -14.23 7.20 25.99
C VAL A 401 -14.53 8.69 25.88
N LYS A 402 -13.49 9.51 25.81
CA LYS A 402 -13.64 10.95 25.69
C LYS A 402 -14.16 11.34 24.31
N ASP A 403 -15.04 12.34 24.26
CA ASP A 403 -15.67 12.74 23.01
C ASP A 403 -14.86 13.79 22.27
N GLU A 404 -13.76 14.21 22.89
CA GLU A 404 -12.88 15.21 22.29
C GLU A 404 -11.62 14.56 21.73
N MET A 405 -11.15 15.07 20.59
CA MET A 405 -9.90 14.61 20.01
C MET A 405 -8.74 14.98 20.92
N THR A 406 -7.62 14.26 20.78
CA THR A 406 -6.49 14.47 21.67
C THR A 406 -5.73 15.74 21.33
N ASP A 407 -5.57 16.63 22.31
CA ASP A 407 -4.78 17.83 22.11
C ASP A 407 -3.29 17.49 22.11
N VAL A 408 -2.65 17.64 20.95
CA VAL A 408 -1.23 17.35 20.82
C VAL A 408 -0.46 18.55 20.32
N THR A 409 0.69 18.79 20.95
CA THR A 409 1.57 19.87 20.54
C THR A 409 2.60 19.38 19.52
N GLY A 410 2.54 19.94 18.31
CA GLY A 410 3.45 19.55 17.26
C GLY A 410 4.54 20.57 17.01
N ARG A 411 5.51 20.21 16.17
CA ARG A 411 6.59 21.12 15.84
C ARG A 411 6.85 21.15 14.33
N VAL A 412 6.68 22.31 13.71
CA VAL A 412 6.99 22.49 12.32
C VAL A 412 8.48 22.69 12.13
N LEU A 413 9.13 21.71 11.53
CA LEU A 413 10.57 21.75 11.35
C LEU A 413 10.94 22.70 10.22
N GLN A 414 12.07 23.36 10.37
CA GLN A 414 12.61 24.23 9.33
C GLN A 414 13.09 23.38 8.15
N PRO A 415 12.63 23.72 6.95
CA PRO A 415 13.00 22.99 5.74
C PRO A 415 14.43 23.29 5.29
N PRO A 416 15.08 22.31 4.63
CA PRO A 416 16.45 22.51 4.16
C PRO A 416 16.49 23.37 2.90
N SER A 417 17.48 24.20 2.68
CA SER A 417 17.49 24.97 1.46
C SER A 417 17.93 24.03 0.41
N ILE A 418 17.81 24.41 -0.84
CA ILE A 418 18.21 23.53 -1.92
C ILE A 418 19.17 24.28 -2.79
N LEU A 419 20.35 23.73 -2.99
CA LEU A 419 21.38 24.34 -3.79
C LEU A 419 21.28 23.90 -5.21
N TYR A 420 21.25 24.84 -6.13
CA TYR A 420 21.16 24.51 -7.52
C TYR A 420 22.48 24.91 -8.11
N GLY A 421 22.74 24.49 -9.33
CA GLY A 421 24.00 24.81 -9.97
C GLY A 421 23.98 25.97 -10.91
N GLY A 422 24.40 25.72 -12.13
CA GLY A 422 24.46 26.74 -13.13
C GLY A 422 25.43 27.84 -12.78
N ARG A 423 25.38 28.92 -13.56
CA ARG A 423 26.25 30.05 -13.29
C ARG A 423 25.89 30.65 -11.95
N ASN A 424 24.60 30.81 -11.73
CA ASN A 424 24.12 31.38 -10.48
C ASN A 424 24.31 30.60 -9.21
N LYS A 425 24.13 29.28 -9.29
CA LYS A 425 24.22 28.48 -8.09
C LYS A 425 23.15 28.99 -7.16
N ALA A 426 21.94 29.07 -7.69
CA ALA A 426 20.81 29.57 -6.93
C ALA A 426 20.32 28.68 -5.82
N ILE A 427 19.94 29.27 -4.70
CA ILE A 427 19.44 28.55 -3.56
C ILE A 427 17.96 28.78 -3.49
N ALA A 428 17.19 27.71 -3.46
CA ALA A 428 15.76 27.80 -3.40
C ALA A 428 15.29 27.47 -2.02
N THR A 429 14.27 28.18 -1.53
CA THR A 429 13.76 27.91 -0.21
C THR A 429 12.37 27.36 -0.35
N PRO A 430 12.16 26.15 0.15
CA PRO A 430 10.87 25.48 0.10
C PRO A 430 9.78 26.19 0.89
N VAL A 431 8.85 26.83 0.19
CA VAL A 431 7.71 27.48 0.85
C VAL A 431 6.51 26.56 0.79
N GLN A 432 6.01 26.18 1.97
CA GLN A 432 4.92 25.22 2.09
C GLN A 432 5.28 23.92 1.38
N GLY A 433 6.48 23.43 1.62
CA GLY A 433 6.95 22.19 1.03
C GLY A 433 7.03 22.19 -0.48
N VAL A 434 7.06 23.38 -1.08
CA VAL A 434 7.11 23.51 -2.53
C VAL A 434 8.05 24.62 -2.96
N TRP A 435 8.87 24.34 -3.97
CA TRP A 435 9.71 25.37 -4.59
C TRP A 435 9.71 25.17 -6.10
N ASP A 436 10.42 26.05 -6.81
CA ASP A 436 10.44 25.98 -8.27
C ASP A 436 11.83 26.20 -8.82
N MET A 437 11.94 26.26 -10.14
CA MET A 437 13.24 26.42 -10.79
C MET A 437 13.35 27.69 -11.62
N ARG A 438 12.55 28.70 -11.29
CA ARG A 438 12.67 29.99 -11.96
C ARG A 438 13.97 30.66 -11.56
N ASN A 439 14.71 31.15 -12.56
CA ASN A 439 16.05 31.71 -12.36
C ASN A 439 17.00 30.69 -11.73
N LYS A 440 16.81 29.42 -12.05
CA LYS A 440 17.65 28.35 -11.50
C LYS A 440 18.04 27.34 -12.57
N GLN A 441 19.28 26.86 -12.48
CA GLN A 441 19.77 25.79 -13.36
C GLN A 441 20.11 24.55 -12.54
N PHE A 442 20.22 23.41 -13.21
CA PHE A 442 20.58 22.15 -12.55
C PHE A 442 21.96 22.22 -11.90
N HIS A 443 22.17 21.43 -10.86
CA HIS A 443 23.44 21.42 -10.14
C HIS A 443 24.59 21.05 -11.07
N THR A 444 24.47 19.87 -11.69
CA THR A 444 25.40 19.48 -12.74
C THR A 444 24.60 19.02 -13.94
N GLY A 445 24.09 19.99 -14.70
CA GLY A 445 23.28 19.71 -15.87
C GLY A 445 24.06 19.00 -16.97
N ILE A 446 23.56 17.86 -17.39
CA ILE A 446 24.21 17.08 -18.44
C ILE A 446 24.11 17.76 -19.80
N GLU A 447 25.25 17.98 -20.43
CA GLU A 447 25.28 18.56 -21.78
C GLU A 447 24.81 17.54 -22.80
N ILE A 448 23.61 17.76 -23.35
CA ILE A 448 23.05 16.84 -24.33
C ILE A 448 23.38 17.29 -25.74
N LYS A 449 24.24 16.52 -26.41
CA LYS A 449 24.67 16.84 -27.76
C LYS A 449 24.03 15.92 -28.79
N VAL A 450 24.01 14.62 -28.48
CA VAL A 450 23.46 13.63 -29.41
C VAL A 450 22.32 12.85 -28.77
N TRP A 451 21.19 12.82 -29.45
CA TRP A 451 20.00 12.13 -28.93
C TRP A 451 19.04 11.77 -30.05
N ALA A 452 18.18 10.80 -29.80
CA ALA A 452 17.26 10.31 -30.81
C ALA A 452 15.79 10.47 -30.40
N ILE A 453 14.92 10.41 -31.41
CA ILE A 453 13.47 10.45 -31.19
C ILE A 453 12.77 9.29 -31.90
N ALA A 454 12.09 8.46 -31.12
CA ALA A 454 11.27 7.38 -31.66
C ALA A 454 9.81 7.63 -31.32
N CYS A 455 8.96 7.76 -32.34
CA CYS A 455 7.53 7.95 -32.10
C CYS A 455 6.75 6.72 -32.54
N PHE A 456 5.92 6.22 -31.64
CA PHE A 456 5.12 5.03 -31.92
C PHE A 456 3.68 5.48 -32.09
N ALA A 457 3.50 6.79 -31.95
CA ALA A 457 2.28 7.48 -32.26
C ALA A 457 2.02 7.37 -33.76
N PRO A 458 0.78 7.03 -34.14
CA PRO A 458 0.45 7.10 -35.57
C PRO A 458 0.71 8.52 -36.10
N GLN A 459 1.36 8.62 -37.25
CA GLN A 459 1.83 9.91 -37.75
C GLN A 459 0.69 10.88 -38.10
N ARG A 460 -0.49 10.34 -38.37
CA ARG A 460 -1.67 11.18 -38.58
C ARG A 460 -1.95 11.93 -37.31
N GLN A 461 -1.89 11.22 -36.18
CA GLN A 461 -2.10 11.81 -34.88
C GLN A 461 -0.87 12.63 -34.42
N CYS A 462 0.33 12.12 -34.67
CA CYS A 462 1.55 12.85 -34.31
C CYS A 462 2.42 13.14 -35.54
N THR A 463 2.47 14.42 -35.90
CA THR A 463 3.06 14.85 -37.17
C THR A 463 4.41 15.57 -37.00
N GLU A 464 5.14 15.74 -38.11
CA GLU A 464 6.47 16.38 -38.09
C GLU A 464 6.52 17.71 -37.33
N VAL A 465 5.54 18.57 -37.57
CA VAL A 465 5.46 19.87 -36.89
C VAL A 465 5.35 19.71 -35.38
N HIS A 466 4.56 18.73 -34.92
CA HIS A 466 4.47 18.40 -33.50
C HIS A 466 5.86 18.18 -32.91
N LEU A 467 6.60 17.26 -33.52
CA LEU A 467 7.97 16.97 -33.12
C LEU A 467 8.84 18.22 -33.09
N LYS A 468 8.68 19.08 -34.10
CA LYS A 468 9.48 20.30 -34.19
C LYS A 468 9.20 21.29 -33.04
N SER A 469 7.92 21.59 -32.80
CA SER A 469 7.52 22.49 -31.73
C SER A 469 7.86 21.90 -30.36
N PHE A 470 7.75 20.58 -30.27
CA PHE A 470 8.09 19.83 -29.07
C PHE A 470 9.57 19.99 -28.73
N THR A 471 10.44 19.71 -29.70
CA THR A 471 11.87 19.85 -29.49
C THR A 471 12.26 21.31 -29.25
N GLU A 472 11.57 22.23 -29.92
CA GLU A 472 11.82 23.66 -29.74
C GLU A 472 11.56 24.10 -28.30
N GLN A 473 10.30 23.94 -27.88
CA GLN A 473 9.87 24.27 -26.53
C GLN A 473 10.75 23.55 -25.50
N LEU A 474 10.94 22.25 -25.70
CA LEU A 474 11.75 21.45 -24.80
C LEU A 474 13.16 22.00 -24.68
N ARG A 475 13.70 22.52 -25.78
CA ARG A 475 15.04 23.08 -25.75
C ARG A 475 15.09 24.41 -25.00
N LYS A 476 14.08 25.27 -25.19
CA LYS A 476 14.07 26.53 -24.45
C LYS A 476 13.98 26.26 -22.95
N ILE A 477 13.02 25.43 -22.57
CA ILE A 477 12.83 25.07 -21.17
C ILE A 477 14.08 24.37 -20.63
N SER A 478 14.78 23.64 -21.51
CA SER A 478 15.99 22.92 -21.13
C SER A 478 17.13 23.87 -20.81
N ARG A 479 17.37 24.82 -21.70
CA ARG A 479 18.41 25.82 -21.49
C ARG A 479 18.08 26.65 -20.25
N ASP A 480 16.80 26.87 -20.00
CA ASP A 480 16.39 27.56 -18.79
C ASP A 480 16.58 26.67 -17.56
N ALA A 481 16.64 25.36 -17.78
CA ALA A 481 16.74 24.41 -16.69
C ALA A 481 18.19 24.09 -16.32
N GLY A 482 19.12 24.42 -17.21
CA GLY A 482 20.53 24.16 -16.96
C GLY A 482 21.04 22.91 -17.66
N MET A 483 20.12 22.15 -18.24
CA MET A 483 20.47 20.97 -19.01
C MET A 483 20.27 21.27 -20.50
N PRO A 484 21.29 21.79 -21.17
CA PRO A 484 21.10 22.26 -22.55
C PRO A 484 21.12 21.14 -23.57
N ILE A 485 20.01 20.97 -24.28
CA ILE A 485 19.93 20.01 -25.37
C ILE A 485 20.38 20.66 -26.67
N GLN A 486 21.69 20.61 -26.91
CA GLN A 486 22.29 21.29 -28.05
C GLN A 486 21.93 20.62 -29.38
N GLY A 487 21.54 21.44 -30.36
CA GLY A 487 21.25 20.95 -31.69
C GLY A 487 19.98 20.15 -31.81
N GLN A 488 19.46 20.06 -33.04
CA GLN A 488 18.27 19.27 -33.33
C GLN A 488 18.56 17.79 -33.15
N PRO A 489 17.51 16.97 -32.92
CA PRO A 489 17.72 15.53 -32.75
C PRO A 489 18.34 14.89 -34.00
N CYS A 490 19.39 14.11 -33.81
CA CYS A 490 20.09 13.47 -34.93
C CYS A 490 19.20 12.42 -35.59
N PHE A 491 18.38 11.76 -34.78
CA PHE A 491 17.47 10.74 -35.28
C PHE A 491 16.04 11.09 -34.87
N CYS A 492 15.08 10.71 -35.71
CA CYS A 492 13.68 10.98 -35.45
C CYS A 492 12.79 10.20 -36.41
N LYS A 493 12.27 9.06 -35.97
CA LYS A 493 11.46 8.23 -36.88
C LYS A 493 10.20 7.67 -36.24
N TYR A 494 9.24 7.34 -37.10
CA TYR A 494 7.98 6.73 -36.69
C TYR A 494 8.11 5.21 -36.65
N ALA A 495 7.27 4.56 -35.85
CA ALA A 495 7.26 3.10 -35.76
C ALA A 495 5.97 2.65 -35.09
N GLN A 496 5.69 1.35 -35.17
CA GLN A 496 4.52 0.79 -34.50
C GLN A 496 4.79 -0.64 -34.06
N GLY A 497 4.18 -1.05 -32.95
CA GLY A 497 4.35 -2.39 -32.43
C GLY A 497 5.60 -2.52 -31.58
N ALA A 498 5.48 -3.23 -30.47
CA ALA A 498 6.60 -3.44 -29.56
C ALA A 498 7.67 -4.31 -30.21
N ASP A 499 7.25 -5.11 -31.18
CA ASP A 499 8.15 -6.03 -31.89
C ASP A 499 9.30 -5.28 -32.55
N SER A 500 9.09 -4.01 -32.87
CA SER A 500 10.10 -3.23 -33.56
C SER A 500 10.95 -2.39 -32.60
N VAL A 501 10.67 -2.50 -31.30
CA VAL A 501 11.39 -1.70 -30.31
C VAL A 501 12.85 -2.09 -30.22
N GLU A 502 13.10 -3.37 -29.99
CA GLU A 502 14.46 -3.87 -29.84
C GLU A 502 15.35 -3.61 -31.06
N PRO A 503 14.91 -4.03 -32.26
CA PRO A 503 15.82 -3.81 -33.41
C PRO A 503 16.11 -2.34 -33.68
N MET A 504 15.09 -1.49 -33.56
CA MET A 504 15.27 -0.06 -33.73
C MET A 504 16.38 0.45 -32.83
N PHE A 505 16.25 0.14 -31.54
CA PHE A 505 17.31 0.43 -30.59
C PHE A 505 18.64 -0.18 -31.03
N ARG A 506 18.59 -1.45 -31.44
CA ARG A 506 19.78 -2.15 -31.91
C ARG A 506 20.46 -1.38 -33.02
N HIS A 507 19.67 -0.68 -33.82
CA HIS A 507 20.21 0.15 -34.89
C HIS A 507 20.88 1.38 -34.28
N LEU A 508 20.12 2.10 -33.46
CA LEU A 508 20.55 3.38 -32.90
C LEU A 508 21.93 3.33 -32.26
N LYS A 509 22.07 2.49 -31.24
CA LYS A 509 23.32 2.34 -30.50
C LYS A 509 24.49 2.02 -31.43
N ASN A 510 24.19 1.37 -32.56
CA ASN A 510 25.23 0.95 -33.48
C ASN A 510 25.56 1.99 -34.54
N THR A 511 24.70 2.99 -34.71
CA THR A 511 24.90 3.97 -35.77
C THR A 511 25.21 5.37 -35.25
N TYR A 512 24.83 5.65 -34.01
CA TYR A 512 25.12 6.94 -33.40
C TYR A 512 26.06 6.79 -32.22
N ALA A 513 27.30 7.25 -32.39
CA ALA A 513 28.31 7.14 -31.34
C ALA A 513 28.05 8.10 -30.19
N GLY A 514 28.00 7.57 -28.98
CA GLY A 514 27.77 8.37 -27.79
C GLY A 514 26.30 8.78 -27.64
N LEU A 515 25.41 7.98 -28.21
CA LEU A 515 23.98 8.24 -28.09
C LEU A 515 23.55 8.23 -26.63
N GLN A 516 23.06 9.36 -26.16
CA GLN A 516 22.76 9.53 -24.73
C GLN A 516 21.32 9.14 -24.37
N LEU A 517 20.37 9.57 -25.18
CA LEU A 517 18.96 9.41 -24.84
C LEU A 517 18.08 9.15 -26.06
N VAL A 518 17.08 8.29 -25.87
CA VAL A 518 16.09 8.03 -26.91
C VAL A 518 14.69 8.41 -26.42
N VAL A 519 14.13 9.48 -26.97
CA VAL A 519 12.81 9.93 -26.57
C VAL A 519 11.72 9.15 -27.27
N VAL A 520 10.99 8.36 -26.52
CA VAL A 520 10.00 7.46 -27.10
C VAL A 520 8.58 8.00 -26.90
N ILE A 521 7.85 8.20 -28.01
CA ILE A 521 6.52 8.78 -27.96
C ILE A 521 5.42 7.77 -28.25
N LEU A 522 4.50 7.60 -27.29
CA LEU A 522 3.47 6.58 -27.35
C LEU A 522 2.09 7.09 -26.96
N PRO A 523 1.05 6.59 -27.63
CA PRO A 523 -0.33 6.99 -27.36
C PRO A 523 -1.09 6.02 -26.45
N GLY A 524 -1.53 6.53 -25.29
CA GLY A 524 -2.36 5.75 -24.38
C GLY A 524 -1.73 4.49 -23.87
N LYS A 525 -2.54 3.62 -23.28
CA LYS A 525 -2.07 2.34 -22.74
C LYS A 525 -1.52 1.43 -23.83
N THR A 526 -0.32 0.90 -23.60
CA THR A 526 0.32 0.03 -24.58
C THR A 526 1.51 -0.70 -23.96
N PRO A 527 1.62 -2.01 -24.20
CA PRO A 527 2.77 -2.77 -23.69
C PRO A 527 4.10 -2.45 -24.37
N VAL A 528 4.13 -1.47 -25.27
CA VAL A 528 5.38 -1.07 -25.88
C VAL A 528 6.27 -0.41 -24.82
N TYR A 529 5.68 0.15 -23.73
CA TYR A 529 6.45 0.83 -22.71
C TYR A 529 7.29 -0.18 -21.93
N ALA A 530 6.70 -1.24 -21.75
CA ALA A 530 7.43 -2.30 -21.06
C ALA A 530 8.59 -2.83 -21.91
N GLU A 531 8.34 -3.00 -23.21
CA GLU A 531 9.37 -3.48 -24.13
C GLU A 531 10.53 -2.49 -24.24
N VAL A 532 10.19 -1.21 -24.28
CA VAL A 532 11.18 -0.13 -24.34
C VAL A 532 12.00 -0.11 -23.07
N LYS A 533 11.33 -0.28 -21.94
CA LYS A 533 12.03 -0.33 -20.66
C LYS A 533 12.84 -1.60 -20.50
N ARG A 534 12.32 -2.71 -21.01
CA ARG A 534 13.00 -3.99 -20.91
C ARG A 534 14.31 -3.98 -21.69
N VAL A 535 14.23 -3.64 -22.97
CA VAL A 535 15.40 -3.58 -23.83
C VAL A 535 16.34 -2.46 -23.40
N GLY A 536 15.77 -1.34 -22.98
CA GLY A 536 16.53 -0.17 -22.61
C GLY A 536 17.32 -0.34 -21.32
N ASP A 537 16.74 -1.05 -20.35
CA ASP A 537 17.36 -1.17 -19.03
C ASP A 537 18.13 -2.46 -18.86
N THR A 538 17.61 -3.55 -19.41
CA THR A 538 18.15 -4.89 -19.16
C THR A 538 19.01 -5.43 -20.30
N VAL A 539 18.79 -4.94 -21.51
CA VAL A 539 19.46 -5.50 -22.69
C VAL A 539 20.58 -4.63 -23.23
N LEU A 540 20.26 -3.45 -23.74
CA LEU A 540 21.24 -2.61 -24.41
C LEU A 540 21.85 -1.56 -23.50
N GLY A 541 21.10 -1.15 -22.48
CA GLY A 541 21.60 -0.19 -21.52
C GLY A 541 21.62 1.22 -22.04
N MET A 542 20.47 1.72 -22.46
CA MET A 542 20.35 3.09 -22.95
C MET A 542 19.27 3.86 -22.22
N ALA A 543 19.57 5.10 -21.87
CA ALA A 543 18.60 5.95 -21.20
C ALA A 543 17.42 6.24 -22.11
N THR A 544 16.22 5.90 -21.67
CA THR A 544 15.00 6.15 -22.44
C THR A 544 14.04 7.06 -21.66
N GLN A 545 13.55 8.10 -22.31
CA GLN A 545 12.53 8.97 -21.70
C GLN A 545 11.30 9.04 -22.58
N CYS A 546 10.23 8.40 -22.13
CA CYS A 546 8.99 8.34 -22.87
C CYS A 546 8.11 9.54 -22.57
N VAL A 547 7.24 9.90 -23.51
CA VAL A 547 6.21 10.90 -23.30
C VAL A 547 4.94 10.36 -23.93
N GLN A 548 3.79 10.63 -23.32
CA GLN A 548 2.52 10.32 -23.97
C GLN A 548 2.38 11.18 -25.22
N MET A 549 1.84 10.60 -26.29
CA MET A 549 1.56 11.36 -27.51
C MET A 549 0.65 12.56 -27.21
N LYS A 550 -0.37 12.31 -26.39
CA LYS A 550 -1.29 13.34 -25.93
C LYS A 550 -0.58 14.59 -25.41
N ASN A 551 0.52 14.39 -24.69
CA ASN A 551 1.30 15.51 -24.13
C ASN A 551 2.34 16.09 -25.09
N VAL A 552 2.44 15.53 -26.29
CA VAL A 552 3.36 16.04 -27.29
C VAL A 552 2.83 17.34 -27.94
N GLN A 553 1.55 17.34 -28.25
CA GLN A 553 0.93 18.40 -29.04
C GLN A 553 0.75 19.70 -28.27
N ARG A 554 0.25 19.60 -27.04
CA ARG A 554 0.13 20.76 -26.17
C ARG A 554 1.19 20.67 -25.07
N THR A 555 2.17 21.58 -25.11
CA THR A 555 3.27 21.53 -24.16
C THR A 555 3.20 22.68 -23.15
N THR A 556 3.17 22.33 -21.87
CA THR A 556 3.19 23.30 -20.79
C THR A 556 4.59 23.33 -20.19
N PRO A 557 5.12 24.54 -19.92
CA PRO A 557 6.47 24.74 -19.39
C PRO A 557 6.77 23.86 -18.19
N GLN A 558 5.78 23.69 -17.32
CA GLN A 558 5.95 22.87 -16.12
C GLN A 558 6.06 21.38 -16.44
N THR A 559 5.31 20.92 -17.43
CA THR A 559 5.39 19.52 -17.85
C THR A 559 6.76 19.22 -18.44
N LEU A 560 7.21 20.09 -19.34
CA LEU A 560 8.51 19.94 -19.97
C LEU A 560 9.63 20.01 -18.93
N SER A 561 9.50 20.93 -17.98
CA SER A 561 10.50 21.08 -16.93
C SER A 561 10.56 19.82 -16.07
N ASN A 562 9.39 19.33 -15.67
CA ASN A 562 9.31 18.10 -14.87
C ASN A 562 9.83 16.89 -15.65
N LEU A 563 9.77 16.97 -16.98
CA LEU A 563 10.33 15.93 -17.82
C LEU A 563 11.85 16.02 -17.81
N CYS A 564 12.37 17.24 -17.87
CA CYS A 564 13.81 17.45 -17.84
C CYS A 564 14.40 17.03 -16.50
N LEU A 565 13.59 17.13 -15.45
CA LEU A 565 14.03 16.75 -14.11
C LEU A 565 14.42 15.27 -14.07
N LYS A 566 13.66 14.45 -14.78
CA LYS A 566 13.93 13.01 -14.83
C LYS A 566 14.99 12.70 -15.88
N ILE A 567 15.02 13.49 -16.95
CA ILE A 567 15.98 13.30 -18.02
C ILE A 567 17.40 13.55 -17.53
N ASN A 568 17.56 14.60 -16.72
CA ASN A 568 18.87 14.94 -16.17
C ASN A 568 19.45 13.86 -15.27
N VAL A 569 18.64 13.32 -14.36
CA VAL A 569 19.10 12.28 -13.46
C VAL A 569 19.24 10.95 -14.20
N LYS A 570 18.52 10.81 -15.31
CA LYS A 570 18.63 9.59 -16.12
C LYS A 570 19.94 9.55 -16.88
N LEU A 571 20.56 10.72 -17.04
CA LEU A 571 21.85 10.80 -17.74
C LEU A 571 23.00 10.89 -16.75
N GLY A 572 22.69 10.73 -15.46
CA GLY A 572 23.72 10.73 -14.43
C GLY A 572 24.01 12.09 -13.83
N GLY A 573 23.24 13.10 -14.23
CA GLY A 573 23.43 14.44 -13.72
C GLY A 573 22.76 14.67 -12.38
N VAL A 574 23.07 15.81 -11.75
CA VAL A 574 22.47 16.17 -10.48
C VAL A 574 21.58 17.40 -10.63
N ASN A 575 20.29 17.24 -10.32
CA ASN A 575 19.35 18.34 -10.42
C ASN A 575 19.62 19.38 -9.36
N ASN A 576 19.68 18.92 -8.11
CA ASN A 576 19.96 19.79 -6.98
C ASN A 576 20.39 18.99 -5.76
N ILE A 577 21.02 19.67 -4.81
CA ILE A 577 21.45 19.03 -3.57
C ILE A 577 20.98 19.82 -2.36
N LEU A 578 20.98 19.18 -1.20
CA LEU A 578 20.69 19.89 0.05
C LEU A 578 21.80 20.89 0.30
N LEU A 579 21.48 21.99 0.99
CA LEU A 579 22.49 22.96 1.34
C LEU A 579 23.48 22.32 2.31
N PRO A 580 24.74 22.18 1.87
CA PRO A 580 25.79 21.46 2.60
C PRO A 580 25.95 21.92 4.04
N GLN A 581 25.98 23.23 4.26
CA GLN A 581 26.15 23.76 5.61
C GLN A 581 24.90 23.54 6.46
N GLY A 582 23.76 23.39 5.80
CA GLY A 582 22.51 23.18 6.49
C GLY A 582 22.13 21.71 6.52
N ARG A 583 22.96 20.90 7.18
CA ARG A 583 22.73 19.47 7.29
C ARG A 583 23.07 18.94 8.68
N PRO A 584 22.38 17.88 9.11
CA PRO A 584 22.65 17.25 10.41
C PRO A 584 24.08 16.72 10.51
N PRO A 585 24.60 16.58 11.74
CA PRO A 585 25.99 16.17 11.97
C PRO A 585 26.30 14.74 11.50
N VAL A 586 25.28 13.96 11.14
CA VAL A 586 25.52 12.59 10.69
C VAL A 586 26.36 12.57 9.40
N PHE A 587 26.41 13.71 8.70
CA PHE A 587 27.19 13.81 7.48
C PHE A 587 28.66 14.15 7.74
N GLN A 588 29.05 14.15 9.01
CA GLN A 588 30.45 14.41 9.35
C GLN A 588 31.36 13.31 8.85
N GLN A 589 30.92 12.06 9.01
CA GLN A 589 31.67 10.91 8.54
C GLN A 589 30.84 10.14 7.51
N PRO A 590 31.51 9.42 6.59
CA PRO A 590 30.84 8.68 5.51
C PRO A 590 29.64 7.85 5.98
N VAL A 591 28.49 8.07 5.34
CA VAL A 591 27.27 7.38 5.69
C VAL A 591 26.48 7.02 4.43
N ILE A 592 25.91 5.82 4.40
CA ILE A 592 25.11 5.41 3.26
C ILE A 592 23.63 5.30 3.65
N PHE A 593 22.76 5.82 2.81
CA PHE A 593 21.33 5.80 3.07
C PHE A 593 20.66 4.73 2.22
N LEU A 594 20.03 3.77 2.87
CA LEU A 594 19.36 2.69 2.17
C LEU A 594 17.85 2.86 2.21
N GLY A 595 17.18 2.33 1.20
CA GLY A 595 15.74 2.39 1.15
C GLY A 595 15.19 1.10 0.61
N ALA A 596 14.40 0.41 1.41
CA ALA A 596 13.96 -0.91 1.00
C ALA A 596 12.47 -1.00 0.95
N ASP A 597 11.97 -1.62 -0.10
CA ASP A 597 10.57 -1.93 -0.10
C ASP A 597 10.22 -3.22 -0.79
N VAL A 598 9.19 -3.85 -0.30
CA VAL A 598 8.59 -4.86 -1.13
C VAL A 598 7.29 -4.40 -1.81
N THR A 599 6.99 -5.06 -2.93
CA THR A 599 5.82 -4.83 -3.74
C THR A 599 5.22 -6.18 -4.04
N HIS A 600 3.91 -6.37 -3.84
CA HIS A 600 3.27 -7.67 -4.11
C HIS A 600 2.37 -7.70 -5.36
N PRO A 601 2.29 -8.87 -6.06
CA PRO A 601 1.49 -9.00 -7.29
C PRO A 601 -0.01 -8.87 -7.05
N PRO A 602 -0.76 -8.35 -8.05
CA PRO A 602 -2.21 -8.15 -7.93
C PRO A 602 -2.96 -9.46 -7.79
N LYS A 607 0.92 -17.34 -8.11
CA LYS A 607 2.05 -17.86 -8.88
C LYS A 607 3.11 -16.79 -9.11
N LYS A 608 2.65 -15.57 -9.39
CA LYS A 608 3.56 -14.46 -9.64
C LYS A 608 4.34 -14.09 -8.38
N PRO A 609 5.65 -13.89 -8.51
CA PRO A 609 6.55 -13.65 -7.37
C PRO A 609 6.42 -12.25 -6.81
N SER A 610 6.95 -12.03 -5.61
CA SER A 610 6.99 -10.70 -5.04
C SER A 610 8.28 -9.99 -5.44
N ILE A 611 8.25 -8.67 -5.43
CA ILE A 611 9.44 -7.93 -5.80
C ILE A 611 9.99 -7.13 -4.63
N ALA A 612 11.23 -7.48 -4.27
CA ALA A 612 11.98 -6.81 -3.22
C ALA A 612 12.95 -5.85 -3.86
N ALA A 613 13.00 -4.62 -3.37
CA ALA A 613 13.87 -3.61 -3.96
C ALA A 613 14.60 -2.82 -2.89
N VAL A 614 15.91 -2.71 -3.02
CA VAL A 614 16.72 -1.94 -2.07
C VAL A 614 17.64 -1.00 -2.82
N VAL A 615 17.61 0.28 -2.44
CA VAL A 615 18.48 1.26 -3.07
C VAL A 615 19.45 1.85 -2.06
N GLY A 616 20.55 2.42 -2.54
CA GLY A 616 21.55 3.00 -1.67
C GLY A 616 22.15 4.29 -2.20
N SER A 617 22.45 5.22 -1.30
CA SER A 617 23.08 6.48 -1.70
C SER A 617 24.50 6.22 -2.18
N MET A 618 24.91 6.97 -3.21
CA MET A 618 26.22 6.75 -3.82
C MET A 618 27.10 8.00 -3.78
N ASP A 619 26.67 8.98 -2.99
CA ASP A 619 27.47 10.18 -2.78
C ASP A 619 27.11 10.82 -1.43
N ALA A 620 27.61 12.04 -1.21
CA ALA A 620 27.48 12.64 0.11
C ALA A 620 26.45 13.76 0.15
N HIS A 621 25.76 13.99 -0.97
CA HIS A 621 24.81 15.10 -1.05
C HIS A 621 23.62 14.92 -0.11
N PRO A 622 22.91 13.78 -0.17
CA PRO A 622 22.96 12.62 -1.06
C PRO A 622 21.93 12.72 -2.18
N ASN A 623 22.38 12.58 -3.43
CA ASN A 623 21.49 12.73 -4.56
C ASN A 623 21.36 11.47 -5.40
N ARG A 624 22.48 10.98 -5.89
CA ARG A 624 22.48 9.88 -6.83
C ARG A 624 22.42 8.54 -6.08
N TYR A 625 21.53 7.66 -6.52
CA TYR A 625 21.31 6.38 -5.85
C TYR A 625 21.52 5.22 -6.80
N CYS A 626 21.90 4.07 -6.23
CA CYS A 626 22.05 2.85 -7.01
C CYS A 626 21.00 1.84 -6.56
N ALA A 627 20.58 0.97 -7.48
CA ALA A 627 19.44 0.11 -7.24
C ALA A 627 19.78 -1.38 -7.27
N THR A 628 19.12 -2.13 -6.40
CA THR A 628 19.20 -3.60 -6.37
C THR A 628 17.79 -4.17 -6.28
N VAL A 629 17.52 -5.20 -7.09
CA VAL A 629 16.16 -5.74 -7.16
C VAL A 629 16.18 -7.26 -7.28
N ARG A 630 15.31 -7.91 -6.51
CA ARG A 630 15.21 -9.36 -6.49
C ARG A 630 13.76 -9.82 -6.58
N VAL A 631 13.56 -10.97 -7.22
CA VAL A 631 12.27 -11.65 -7.19
C VAL A 631 12.30 -12.69 -6.09
N GLN A 632 11.19 -12.86 -5.40
CA GLN A 632 11.14 -13.80 -4.29
C GLN A 632 9.75 -14.38 -4.08
N GLN A 633 9.60 -15.11 -2.98
CA GLN A 633 8.41 -15.90 -2.70
C GLN A 633 7.13 -15.07 -2.71
N HIS A 634 6.05 -15.69 -3.18
CA HIS A 634 4.74 -15.05 -3.28
C HIS A 634 4.25 -14.54 -1.92
N ARG A 635 3.99 -13.24 -1.85
CA ARG A 635 3.49 -12.58 -0.65
C ARG A 635 4.42 -12.79 0.55
N GLN A 636 5.72 -12.68 0.31
CA GLN A 636 6.72 -12.74 1.36
C GLN A 636 7.28 -11.35 1.62
N GLU A 637 6.91 -10.76 2.75
CA GLU A 637 7.30 -9.40 3.07
C GLU A 637 8.79 -9.31 3.41
N ILE A 638 9.32 -10.38 3.97
CA ILE A 638 10.73 -10.40 4.37
C ILE A 638 11.64 -10.42 3.16
N ILE A 639 12.59 -9.51 3.12
CA ILE A 639 13.58 -9.49 2.05
C ILE A 639 14.57 -10.63 2.27
N GLN A 640 14.37 -11.72 1.54
CA GLN A 640 15.13 -12.93 1.75
C GLN A 640 16.62 -12.73 1.47
N ASP A 641 16.94 -12.25 0.28
CA ASP A 641 18.33 -12.08 -0.13
C ASP A 641 18.83 -10.66 0.15
N LEU A 642 18.54 -10.15 1.34
CA LEU A 642 18.90 -8.77 1.66
C LEU A 642 20.41 -8.58 1.79
N ALA A 643 21.08 -9.55 2.41
CA ALA A 643 22.51 -9.45 2.67
C ALA A 643 23.33 -9.23 1.39
N ALA A 644 22.97 -9.95 0.33
CA ALA A 644 23.69 -9.82 -0.93
C ALA A 644 23.50 -8.44 -1.55
N MET A 645 22.28 -7.92 -1.44
CA MET A 645 21.94 -6.62 -1.98
C MET A 645 22.68 -5.52 -1.22
N VAL A 646 22.67 -5.59 0.11
CA VAL A 646 23.35 -4.62 0.95
C VAL A 646 24.85 -4.65 0.67
N ARG A 647 25.40 -5.86 0.56
CA ARG A 647 26.81 -6.02 0.20
C ARG A 647 27.11 -5.33 -1.12
N GLU A 648 26.27 -5.58 -2.11
CA GLU A 648 26.42 -5.00 -3.44
C GLU A 648 26.40 -3.48 -3.40
N LEU A 649 25.46 -2.92 -2.64
CA LEU A 649 25.34 -1.47 -2.50
C LEU A 649 26.55 -0.87 -1.79
N LEU A 650 27.08 -1.59 -0.79
CA LEU A 650 28.27 -1.15 -0.09
C LEU A 650 29.46 -1.13 -1.04
N ILE A 651 29.55 -2.16 -1.89
CA ILE A 651 30.60 -2.23 -2.89
C ILE A 651 30.51 -1.03 -3.84
N GLN A 652 29.33 -0.78 -4.38
CA GLN A 652 29.11 0.35 -5.28
C GLN A 652 29.44 1.68 -4.61
N PHE A 653 29.10 1.79 -3.33
CA PHE A 653 29.38 2.99 -2.56
C PHE A 653 30.88 3.21 -2.44
N TYR A 654 31.61 2.13 -2.17
CA TYR A 654 33.06 2.23 -2.05
C TYR A 654 33.71 2.51 -3.39
N LYS A 655 33.05 2.10 -4.46
CA LYS A 655 33.60 2.34 -5.80
C LYS A 655 33.31 3.76 -6.25
N SER A 656 32.23 4.35 -5.74
CA SER A 656 31.81 5.66 -6.21
C SER A 656 32.34 6.80 -5.33
N THR A 657 32.61 6.49 -4.06
CA THR A 657 33.04 7.50 -3.12
C THR A 657 34.42 7.23 -2.52
N ARG A 658 34.96 6.05 -2.80
CA ARG A 658 36.24 5.61 -2.24
C ARG A 658 36.23 5.63 -0.72
N PHE A 659 35.04 5.53 -0.14
CA PHE A 659 34.87 5.54 1.30
C PHE A 659 34.09 4.34 1.79
N LYS A 660 34.41 3.88 3.00
CA LYS A 660 33.63 2.85 3.67
C LYS A 660 32.69 3.51 4.65
N PRO A 661 31.37 3.39 4.40
CA PRO A 661 30.39 4.09 5.23
C PRO A 661 30.43 3.65 6.68
N THR A 662 30.67 4.61 7.57
CA THR A 662 30.78 4.33 9.00
C THR A 662 29.42 4.12 9.62
N ARG A 663 28.38 4.60 8.94
CA ARG A 663 27.02 4.45 9.41
C ARG A 663 26.10 3.99 8.28
N ILE A 664 25.18 3.10 8.61
CA ILE A 664 24.18 2.65 7.65
C ILE A 664 22.79 3.03 8.13
N ILE A 665 22.12 3.87 7.35
CA ILE A 665 20.75 4.28 7.67
C ILE A 665 19.77 3.53 6.77
N PHE A 666 18.91 2.73 7.39
CA PHE A 666 18.03 1.83 6.66
C PHE A 666 16.55 2.19 6.83
N TYR A 667 15.94 2.73 5.78
CA TYR A 667 14.52 3.04 5.80
C TYR A 667 13.68 1.93 5.16
N ARG A 668 12.90 1.24 5.99
CA ARG A 668 12.11 0.10 5.52
C ARG A 668 10.61 0.46 5.34
N ASP A 669 10.07 0.20 4.17
CA ASP A 669 8.71 0.54 3.92
C ASP A 669 7.71 -0.56 4.02
N GLY A 670 6.52 -0.20 4.47
CA GLY A 670 5.39 -1.10 4.44
C GLY A 670 5.56 -2.39 5.21
N VAL A 671 5.70 -2.25 6.52
CA VAL A 671 5.75 -3.40 7.41
C VAL A 671 4.76 -3.19 8.53
N SER A 672 3.80 -4.11 8.64
CA SER A 672 2.79 -4.04 9.69
C SER A 672 3.43 -4.08 11.07
N GLU A 673 2.74 -3.53 12.07
CA GLU A 673 3.28 -3.44 13.41
C GLU A 673 3.40 -4.83 14.05
N GLY A 674 2.73 -5.81 13.47
CA GLY A 674 2.77 -7.17 13.98
C GLY A 674 3.88 -8.01 13.40
N GLN A 675 4.49 -7.52 12.33
CA GLN A 675 5.57 -8.25 11.67
C GLN A 675 6.95 -7.70 12.04
N PHE A 676 6.98 -6.82 13.03
CA PHE A 676 8.20 -6.12 13.40
C PHE A 676 9.34 -7.04 13.83
N GLN A 677 9.07 -7.91 14.80
CA GLN A 677 10.12 -8.72 15.41
C GLN A 677 10.86 -9.61 14.41
N GLN A 678 10.12 -10.21 13.47
CA GLN A 678 10.73 -11.14 12.55
C GLN A 678 11.51 -10.43 11.45
N VAL A 679 10.92 -9.37 10.90
CA VAL A 679 11.57 -8.63 9.83
C VAL A 679 12.83 -7.96 10.37
N LEU A 680 12.76 -7.51 11.62
CA LEU A 680 13.92 -6.93 12.29
C LEU A 680 14.99 -8.00 12.50
N HIS A 681 14.58 -9.11 13.10
CA HIS A 681 15.50 -10.20 13.42
C HIS A 681 16.24 -10.70 12.19
N HIS A 682 15.55 -10.87 11.07
CA HIS A 682 16.22 -11.37 9.88
C HIS A 682 17.00 -10.28 9.14
N GLU A 683 16.37 -9.14 8.89
CA GLU A 683 16.99 -8.13 8.02
C GLU A 683 18.14 -7.39 8.68
N LEU A 684 18.06 -7.19 10.00
CA LEU A 684 19.17 -6.57 10.72
C LEU A 684 20.39 -7.47 10.66
N LEU A 685 20.18 -8.76 10.89
CA LEU A 685 21.25 -9.75 10.81
C LEU A 685 21.76 -9.87 9.38
N ALA A 686 20.89 -9.59 8.42
CA ALA A 686 21.28 -9.61 7.01
C ALA A 686 22.24 -8.47 6.69
N ILE A 687 21.93 -7.28 7.20
CA ILE A 687 22.80 -6.14 7.01
C ILE A 687 24.14 -6.37 7.71
N ARG A 688 24.06 -6.85 8.95
CA ARG A 688 25.26 -7.14 9.73
C ARG A 688 26.14 -8.16 9.01
N GLU A 689 25.53 -9.22 8.50
CA GLU A 689 26.28 -10.25 7.77
C GLU A 689 26.86 -9.69 6.47
N ALA A 690 26.14 -8.75 5.85
CA ALA A 690 26.65 -8.09 4.66
C ALA A 690 27.91 -7.30 4.99
N CYS A 691 27.95 -6.72 6.19
CA CYS A 691 29.15 -6.00 6.63
C CYS A 691 30.30 -6.94 6.97
N ILE A 692 29.99 -8.04 7.65
CA ILE A 692 31.01 -8.99 8.09
C ILE A 692 31.63 -9.72 6.91
N LYS A 693 30.81 -10.03 5.91
CA LYS A 693 31.27 -10.74 4.71
C LYS A 693 32.26 -9.89 3.91
N LEU A 694 32.19 -8.58 4.09
CA LEU A 694 33.14 -7.67 3.48
C LEU A 694 34.49 -7.73 4.19
N GLU A 695 34.49 -7.36 5.46
CA GLU A 695 35.70 -7.42 6.27
C GLU A 695 35.39 -7.94 7.67
N LYS A 696 36.38 -8.53 8.32
CA LYS A 696 36.20 -9.06 9.67
C LYS A 696 36.07 -7.94 10.69
N ASP A 697 36.68 -6.79 10.39
CA ASP A 697 36.69 -5.66 11.31
C ASP A 697 35.57 -4.66 11.02
N TYR A 698 34.94 -4.80 9.85
CA TYR A 698 33.96 -3.81 9.41
C TYR A 698 32.63 -3.89 10.16
N GLN A 699 32.39 -2.92 11.05
CA GLN A 699 31.15 -2.86 11.82
C GLN A 699 30.61 -1.44 11.91
N PRO A 700 29.88 -1.00 10.87
CA PRO A 700 29.28 0.34 10.89
C PRO A 700 28.00 0.37 11.71
N GLY A 701 27.62 1.55 12.22
CA GLY A 701 26.41 1.69 12.99
C GLY A 701 25.17 1.59 12.12
N ILE A 702 24.23 0.74 12.53
CA ILE A 702 23.02 0.52 11.76
C ILE A 702 21.80 1.16 12.42
N THR A 703 21.08 1.97 11.66
CA THR A 703 19.84 2.56 12.15
C THR A 703 18.66 1.97 11.39
N PHE A 704 17.96 1.03 12.01
CA PHE A 704 16.84 0.36 11.35
C PHE A 704 15.55 1.11 11.66
N ILE A 705 14.96 1.73 10.62
CA ILE A 705 13.74 2.50 10.78
C ILE A 705 12.64 1.99 9.85
N VAL A 706 11.42 1.87 10.37
CA VAL A 706 10.29 1.45 9.57
C VAL A 706 9.39 2.64 9.27
N VAL A 707 9.12 2.89 7.99
CA VAL A 707 8.22 3.97 7.61
C VAL A 707 6.86 3.40 7.21
N GLN A 708 5.83 3.89 7.88
CA GLN A 708 4.45 3.48 7.61
C GLN A 708 3.66 4.64 7.05
N LYS A 709 2.94 4.38 5.96
CA LYS A 709 2.13 5.40 5.31
C LYS A 709 0.67 4.95 5.34
N ARG A 710 0.47 3.64 5.52
CA ARG A 710 -0.88 3.09 5.60
C ARG A 710 -1.32 2.90 7.04
N HIS A 711 -1.76 3.99 7.67
CA HIS A 711 -2.34 3.94 9.01
C HIS A 711 -3.47 4.95 9.07
N HIS A 712 -4.11 5.06 10.23
CA HIS A 712 -5.27 5.95 10.35
C HIS A 712 -5.03 7.06 11.37
N THR A 713 -3.81 7.57 11.43
CA THR A 713 -3.51 8.68 12.32
C THR A 713 -3.68 10.00 11.57
N ARG A 714 -4.60 10.84 12.05
CA ARG A 714 -4.89 12.11 11.40
C ARG A 714 -4.60 13.27 12.35
N LEU A 715 -3.95 14.31 11.82
CA LEU A 715 -3.66 15.50 12.61
C LEU A 715 -4.34 16.73 12.00
N PHE A 716 -5.01 17.51 12.84
CA PHE A 716 -5.73 18.69 12.39
C PHE A 716 -5.25 19.94 13.12
N CYS A 717 -5.40 21.09 12.46
CA CYS A 717 -5.01 22.36 13.06
C CYS A 717 -6.10 22.89 13.99
N THR A 718 -5.70 23.20 15.22
CA THR A 718 -6.62 23.83 16.18
C THR A 718 -6.93 25.26 15.73
N ASP A 719 -5.88 26.02 15.44
CA ASP A 719 -6.04 27.37 14.92
C ASP A 719 -6.23 27.34 13.41
N LYS A 720 -7.27 28.03 12.93
CA LYS A 720 -7.57 28.06 11.50
C LYS A 720 -6.54 28.88 10.72
N ASN A 721 -5.72 29.64 11.43
CA ASN A 721 -4.67 30.43 10.80
C ASN A 721 -3.49 29.58 10.37
N GLU A 722 -3.45 28.35 10.87
CA GLU A 722 -2.36 27.43 10.56
C GLU A 722 -2.71 26.47 9.42
N ARG A 723 -3.97 26.47 9.01
CA ARG A 723 -4.42 25.65 7.90
C ARG A 723 -3.76 26.11 6.60
N VAL A 724 -3.33 25.16 5.78
CA VAL A 724 -2.65 25.47 4.53
C VAL A 724 -3.43 24.94 3.32
N GLY A 725 -3.75 25.84 2.39
CA GLY A 725 -4.45 25.47 1.17
C GLY A 725 -5.93 25.21 1.36
N LYS A 726 -6.60 24.84 0.26
CA LYS A 726 -8.01 24.52 0.30
C LYS A 726 -8.29 23.26 1.12
N SER A 727 -7.27 22.42 1.26
CA SER A 727 -7.39 21.19 2.03
C SER A 727 -7.50 21.50 3.52
N GLY A 728 -6.90 22.62 3.93
CA GLY A 728 -6.89 23.01 5.33
C GLY A 728 -6.03 22.09 6.15
N ASN A 729 -5.05 21.48 5.50
CA ASN A 729 -4.17 20.51 6.16
C ASN A 729 -3.09 21.18 6.99
N ILE A 730 -2.40 20.36 7.78
CA ILE A 730 -1.24 20.82 8.52
C ILE A 730 -0.09 21.12 7.55
N PRO A 731 0.77 22.08 7.92
CA PRO A 731 1.87 22.47 7.03
C PRO A 731 2.93 21.39 6.89
N ALA A 732 3.79 21.53 5.88
CA ALA A 732 4.83 20.53 5.62
C ALA A 732 5.98 20.65 6.61
N GLY A 733 6.08 19.69 7.52
CA GLY A 733 7.16 19.68 8.50
C GLY A 733 6.69 19.45 9.92
N THR A 734 5.38 19.31 10.09
CA THR A 734 4.84 19.08 11.43
C THR A 734 5.28 17.72 11.94
N THR A 735 5.84 17.71 13.13
CA THR A 735 6.37 16.50 13.74
C THR A 735 5.74 16.26 15.10
N VAL A 736 5.23 15.06 15.32
CA VAL A 736 4.59 14.71 16.58
C VAL A 736 5.23 13.47 17.19
N ASP A 737 5.96 13.70 18.27
CA ASP A 737 6.57 12.63 19.00
C ASP A 737 6.14 12.56 20.42
N THR A 738 5.02 13.15 20.75
CA THR A 738 4.52 13.14 22.09
C THR A 738 3.08 12.79 22.10
N LYS A 739 2.59 12.33 23.23
CA LYS A 739 1.18 12.07 23.40
C LYS A 739 0.54 10.86 22.75
N ILE A 740 0.65 10.72 21.44
CA ILE A 740 0.03 9.58 20.77
C ILE A 740 1.02 8.55 20.27
N THR A 741 2.27 8.75 20.61
CA THR A 741 3.33 7.89 20.23
C THR A 741 3.59 6.87 21.29
N HIS A 742 4.43 5.90 20.97
CA HIS A 742 4.72 4.83 21.85
C HIS A 742 5.19 5.35 23.16
N PRO A 743 4.70 4.74 24.21
CA PRO A 743 5.02 5.16 25.57
C PRO A 743 6.52 5.05 25.92
N THR A 744 7.21 4.09 25.31
CA THR A 744 8.60 3.84 25.67
C THR A 744 9.55 3.88 24.47
N GLU A 745 9.12 3.31 23.35
CA GLU A 745 10.00 3.15 22.18
C GLU A 745 10.22 4.45 21.41
N PHE A 746 11.06 4.38 20.38
CA PHE A 746 11.45 5.54 19.60
C PHE A 746 10.66 5.64 18.30
N ASP A 747 9.54 6.34 18.34
CA ASP A 747 8.71 6.53 17.16
C ASP A 747 8.24 7.97 17.07
N PHE A 748 7.91 8.41 15.85
CA PHE A 748 7.41 9.77 15.65
C PHE A 748 6.65 9.93 14.35
N TYR A 749 5.68 10.83 14.33
CA TYR A 749 4.96 11.19 13.12
C TYR A 749 5.62 12.39 12.47
N LEU A 750 5.67 12.39 11.14
CA LEU A 750 6.20 13.51 10.39
C LEU A 750 5.42 13.73 9.10
N CYS A 751 4.85 14.91 8.94
CA CYS A 751 4.13 15.24 7.73
C CYS A 751 4.99 16.11 6.84
N SER A 752 5.83 15.47 6.03
CA SER A 752 6.82 16.20 5.24
C SER A 752 6.22 16.79 3.97
N HIS A 753 5.09 16.28 3.54
CA HIS A 753 4.49 16.75 2.30
C HIS A 753 3.37 17.76 2.56
N ALA A 754 3.20 18.67 1.61
CA ALA A 754 2.09 19.62 1.67
C ALA A 754 0.83 19.01 1.08
N GLY A 755 -0.19 18.87 1.91
CA GLY A 755 -1.47 18.39 1.46
C GLY A 755 -2.01 19.20 0.28
N ILE A 756 -2.20 18.53 -0.85
CA ILE A 756 -2.77 19.19 -2.02
C ILE A 756 -4.26 18.87 -2.11
N GLN A 757 -4.57 17.59 -2.01
CA GLN A 757 -5.95 17.11 -2.05
C GLN A 757 -6.24 16.23 -0.85
N GLY A 758 -7.48 16.29 -0.37
CA GLY A 758 -7.92 15.48 0.75
C GLY A 758 -7.18 15.78 2.05
N THR A 759 -7.25 14.83 2.98
CA THR A 759 -6.59 14.97 4.28
C THR A 759 -5.23 14.29 4.28
N SER A 760 -4.22 15.00 4.77
CA SER A 760 -2.87 14.47 4.81
C SER A 760 -2.74 13.28 5.76
N ARG A 761 -1.93 12.30 5.37
CA ARG A 761 -1.57 11.19 6.25
C ARG A 761 -0.09 11.30 6.62
N PRO A 762 0.19 11.77 7.84
CA PRO A 762 1.57 11.95 8.33
C PRO A 762 2.33 10.63 8.36
N SER A 763 3.49 10.58 7.72
CA SER A 763 4.27 9.35 7.68
C SER A 763 4.76 9.01 9.09
N HIS A 764 4.54 7.78 9.51
CA HIS A 764 5.01 7.33 10.82
C HIS A 764 6.38 6.67 10.69
N TYR A 765 7.28 6.99 11.61
CA TYR A 765 8.62 6.41 11.59
C TYR A 765 8.92 5.75 12.93
N HIS A 766 9.26 4.46 12.88
CA HIS A 766 9.53 3.71 14.10
C HIS A 766 10.94 3.12 14.07
N VAL A 767 11.78 3.55 15.01
CA VAL A 767 13.17 3.13 15.04
C VAL A 767 13.35 1.76 15.71
N LEU A 768 13.46 0.72 14.92
CA LEU A 768 13.63 -0.64 15.44
C LEU A 768 15.04 -0.87 15.98
N TRP A 769 16.00 -0.12 15.46
CA TRP A 769 17.40 -0.26 15.89
C TRP A 769 18.18 1.01 15.62
N ASP A 770 19.18 1.28 16.46
CA ASP A 770 19.97 2.49 16.32
C ASP A 770 21.28 2.43 17.11
N ASP A 771 22.33 1.94 16.45
CA ASP A 771 23.66 1.88 17.07
C ASP A 771 24.26 3.27 17.19
N ASN A 772 23.81 4.17 16.31
CA ASN A 772 24.38 5.50 16.22
C ASN A 772 23.92 6.44 17.34
N ARG A 773 22.94 5.98 18.11
CA ARG A 773 22.37 6.77 19.19
C ARG A 773 21.95 8.16 18.70
N PHE A 774 21.00 8.18 17.78
CA PHE A 774 20.44 9.43 17.27
C PHE A 774 19.59 10.13 18.32
N SER A 775 19.60 11.47 18.28
CA SER A 775 18.65 12.26 19.06
C SER A 775 17.38 12.42 18.25
N SER A 776 16.28 12.78 18.92
CA SER A 776 15.01 12.93 18.25
C SER A 776 15.08 14.04 17.21
N ASP A 777 15.62 15.19 17.59
CA ASP A 777 15.72 16.34 16.70
C ASP A 777 16.54 16.04 15.46
N GLU A 778 17.71 15.42 15.65
CA GLU A 778 18.61 15.13 14.54
C GLU A 778 17.99 14.15 13.55
N LEU A 779 17.36 13.11 14.08
CA LEU A 779 16.75 12.08 13.24
C LEU A 779 15.53 12.61 12.51
N GLN A 780 14.71 13.40 13.20
CA GLN A 780 13.51 13.96 12.60
C GLN A 780 13.87 14.99 11.52
N ILE A 781 14.86 15.81 11.80
CA ILE A 781 15.33 16.79 10.83
C ILE A 781 15.94 16.10 9.62
N LEU A 782 16.76 15.07 9.86
CA LEU A 782 17.37 14.29 8.78
C LEU A 782 16.32 13.63 7.89
N THR A 783 15.34 12.99 8.52
CA THR A 783 14.26 12.33 7.80
C THR A 783 13.46 13.35 6.99
N TYR A 784 13.29 14.54 7.56
CA TYR A 784 12.57 15.60 6.86
C TYR A 784 13.36 16.10 5.65
N GLN A 785 14.67 16.26 5.81
CA GLN A 785 15.53 16.75 4.75
C GLN A 785 15.66 15.76 3.61
N LEU A 786 15.65 14.48 3.92
CA LEU A 786 15.74 13.45 2.88
C LEU A 786 14.51 13.46 1.97
N CYS A 787 13.41 14.05 2.45
CA CYS A 787 12.18 14.15 1.67
C CYS A 787 12.27 15.28 0.65
N HIS A 788 13.36 16.03 0.71
CA HIS A 788 13.59 17.12 -0.23
C HIS A 788 14.58 16.72 -1.32
N THR A 789 15.07 15.49 -1.23
CA THR A 789 16.08 15.01 -2.17
C THR A 789 15.46 14.20 -3.29
N TYR A 790 14.12 14.20 -3.35
CA TYR A 790 13.40 13.53 -4.41
C TYR A 790 13.52 14.36 -5.68
N VAL A 791 14.04 13.76 -6.75
CA VAL A 791 14.40 14.51 -7.96
C VAL A 791 13.29 14.68 -8.98
N ARG A 792 12.26 13.84 -8.91
CA ARG A 792 11.19 13.87 -9.90
C ARG A 792 10.25 15.06 -9.73
N CYS A 793 10.43 15.83 -8.65
CA CYS A 793 9.58 16.98 -8.39
C CYS A 793 10.27 17.96 -7.44
N THR A 794 9.98 19.24 -7.62
CA THR A 794 10.57 20.28 -6.78
C THR A 794 9.72 20.54 -5.55
N ARG A 795 9.36 19.47 -4.86
CA ARG A 795 8.56 19.59 -3.64
C ARG A 795 8.88 18.47 -2.67
N SER A 796 8.63 18.72 -1.38
CA SER A 796 8.86 17.73 -0.35
C SER A 796 7.84 16.60 -0.43
N VAL A 797 8.32 15.36 -0.41
CA VAL A 797 7.44 14.21 -0.55
C VAL A 797 7.11 13.58 0.81
N SER A 798 6.13 12.67 0.81
CA SER A 798 5.63 12.07 2.05
C SER A 798 6.65 11.17 2.74
N ILE A 799 7.37 10.39 1.95
CA ILE A 799 8.42 9.52 2.47
C ILE A 799 9.77 9.91 1.90
N PRO A 800 10.86 9.63 2.63
CA PRO A 800 12.22 9.93 2.17
C PRO A 800 12.53 9.34 0.79
N ALA A 801 13.43 9.99 0.07
CA ALA A 801 13.78 9.59 -1.29
C ALA A 801 14.18 8.11 -1.44
N PRO A 802 15.01 7.55 -0.53
CA PRO A 802 15.34 6.13 -0.68
C PRO A 802 14.15 5.18 -0.80
N ALA A 803 13.20 5.26 0.13
CA ALA A 803 12.03 4.36 0.10
C ALA A 803 11.22 4.53 -1.18
N TYR A 804 11.01 5.78 -1.58
CA TYR A 804 10.31 6.10 -2.81
C TYR A 804 11.00 5.48 -4.01
N TYR A 805 12.33 5.61 -4.02
CA TYR A 805 13.15 5.06 -5.09
C TYR A 805 13.04 3.55 -5.13
N ALA A 806 13.00 2.92 -3.96
CA ALA A 806 12.83 1.47 -3.87
C ALA A 806 11.52 1.06 -4.51
N HIS A 807 10.45 1.74 -4.12
CA HIS A 807 9.14 1.54 -4.71
C HIS A 807 9.19 1.66 -6.24
N LEU A 808 9.89 2.67 -6.74
CA LEU A 808 10.02 2.86 -8.18
C LEU A 808 10.80 1.73 -8.85
N VAL A 809 11.81 1.22 -8.16
CA VAL A 809 12.63 0.13 -8.68
C VAL A 809 11.79 -1.14 -8.84
N ALA A 810 11.08 -1.51 -7.78
CA ALA A 810 10.22 -2.68 -7.85
C ALA A 810 9.14 -2.50 -8.91
N PHE A 811 8.55 -1.31 -8.95
CA PHE A 811 7.50 -0.98 -9.91
C PHE A 811 8.01 -1.08 -11.35
N ARG A 812 9.30 -0.80 -11.53
CA ARG A 812 9.92 -0.91 -12.85
C ARG A 812 10.21 -2.37 -13.18
N ALA A 813 10.61 -3.13 -12.17
CA ALA A 813 10.85 -4.56 -12.32
C ALA A 813 9.57 -5.25 -12.78
N ARG A 814 8.44 -4.79 -12.28
CA ARG A 814 7.13 -5.25 -12.74
C ARG A 814 7.04 -5.21 -14.27
N TYR A 815 7.41 -4.08 -14.85
CA TYR A 815 7.38 -3.91 -16.29
C TYR A 815 8.50 -4.69 -16.97
N HIS A 816 9.56 -4.98 -16.22
CA HIS A 816 10.67 -5.77 -16.75
C HIS A 816 10.31 -7.25 -16.85
N LEU A 817 9.28 -7.66 -16.12
CA LEU A 817 8.92 -9.07 -16.02
C LEU A 817 8.10 -9.61 -17.19
N VAL A 818 7.02 -8.91 -17.53
CA VAL A 818 5.86 -9.50 -18.22
C VAL A 818 6.14 -10.26 -19.53
N ASP A 819 6.92 -9.64 -20.44
CA ASP A 819 7.35 -10.24 -21.71
C ASP A 819 6.38 -11.24 -22.33
N ASP A 838 12.90 -21.76 -13.97
CA ASP A 838 12.18 -20.55 -14.36
C ASP A 838 12.58 -19.38 -13.47
N HIS A 839 13.06 -19.70 -12.27
CA HIS A 839 13.54 -18.69 -11.34
C HIS A 839 14.76 -17.98 -11.91
N GLN A 840 15.66 -18.77 -12.50
CA GLN A 840 16.87 -18.25 -13.12
C GLN A 840 16.52 -17.24 -14.20
N ALA A 841 15.51 -17.56 -15.00
CA ALA A 841 15.08 -16.70 -16.10
C ALA A 841 14.46 -15.40 -15.60
N LEU A 842 13.72 -15.49 -14.50
CA LEU A 842 13.11 -14.31 -13.89
C LEU A 842 14.18 -13.39 -13.33
N ALA A 843 15.06 -13.94 -12.51
CA ALA A 843 16.15 -13.18 -11.93
C ALA A 843 17.07 -12.61 -13.00
N LYS A 844 17.12 -13.28 -14.16
CA LYS A 844 17.90 -12.80 -15.29
C LYS A 844 17.19 -11.62 -15.95
N ALA A 845 15.87 -11.72 -16.05
CA ALA A 845 15.06 -10.70 -16.71
C ALA A 845 14.91 -9.45 -15.86
N VAL A 846 15.11 -9.59 -14.55
CA VAL A 846 15.01 -8.46 -13.65
C VAL A 846 16.36 -7.77 -13.52
N GLN A 847 17.43 -8.51 -13.84
CA GLN A 847 18.78 -7.95 -13.74
C GLN A 847 18.95 -6.84 -14.76
N VAL A 848 19.79 -5.87 -14.43
CA VAL A 848 19.92 -4.65 -15.19
C VAL A 848 21.28 -4.60 -15.89
N HIS A 849 21.32 -4.07 -17.10
CA HIS A 849 22.58 -3.83 -17.81
C HIS A 849 23.52 -3.03 -16.92
N GLN A 850 24.80 -3.40 -16.89
CA GLN A 850 25.79 -2.77 -16.01
C GLN A 850 25.91 -1.25 -16.20
N ASP A 851 25.79 -0.81 -17.45
CA ASP A 851 25.83 0.62 -17.77
C ASP A 851 24.56 1.32 -17.30
N THR A 852 23.43 0.60 -17.28
CA THR A 852 22.19 1.17 -16.76
C THR A 852 22.31 1.29 -15.23
N LEU A 853 23.11 0.41 -14.63
CA LEU A 853 23.18 0.25 -13.17
C LEU A 853 23.57 1.49 -12.36
N ARG A 854 24.63 2.19 -12.79
CA ARG A 854 25.07 3.41 -12.09
C ARG A 854 23.95 4.44 -11.99
N THR A 855 23.28 4.65 -13.11
CA THR A 855 22.29 5.71 -13.27
C THR A 855 20.95 5.36 -12.64
N MET A 856 20.23 6.40 -12.20
CA MET A 856 18.90 6.24 -11.64
C MET A 856 17.86 6.11 -12.75
N TYR A 857 17.85 4.93 -13.38
CA TYR A 857 16.96 4.63 -14.49
C TYR A 857 15.50 4.59 -14.06
N PHE A 858 15.27 4.21 -12.81
CA PHE A 858 13.94 4.06 -12.26
C PHE A 858 13.22 5.39 -12.08
N ALA A 859 13.96 6.49 -12.22
CA ALA A 859 13.41 7.83 -12.06
C ALA A 859 12.39 8.14 -13.16
P 6OP B 1 9.13 6.93 -18.23
OP1 6OP B 1 8.65 5.74 -17.27
OP2 6OP B 1 10.35 6.55 -18.98
OP3 6OP B 1 9.52 8.15 -17.36
C6' 6OP B 1 7.84 7.32 -19.39
C5' 6OP B 1 6.43 7.22 -18.81
C4' 6OP B 1 5.38 7.70 -19.91
O4' 6OP B 1 4.83 6.51 -20.71
C3' 6OP B 1 4.40 8.24 -19.41
O3' 6OP B 1 4.07 9.42 -20.15
C2' 6OP B 1 3.20 7.12 -19.51
O2' 6OP B 1 1.92 7.76 -19.30
C1' 6OP B 1 3.32 6.65 -20.64
CB' 6OP B 1 0.76 6.93 -19.46
CG' 6OP B 1 0.61 5.99 -18.23
OD' 6OP B 1 0.40 6.86 -17.08
CE' 6OP B 1 0.99 6.42 -15.88
N1 6OP B 1 2.76 5.24 -20.77
C2 6OP B 1 2.02 4.93 -21.84
O2 6OP B 1 1.79 5.75 -22.68
N3 6OP B 1 1.51 3.70 -22.01
C4 6OP B 1 1.74 2.74 -21.08
O4 6OP B 1 1.29 1.59 -21.22
C5 6OP B 1 2.51 3.01 -19.96
C7 6OP B 1 2.78 1.91 -18.90
C6 6OP B 1 3.03 4.31 -19.82
P F2T B 2 3.28 10.56 -19.45
SP1 F2T B 2 1.92 11.10 -19.84
OP2 F2T B 2 3.02 10.09 -18.00
O5' F2T B 2 4.24 11.76 -19.53
C5' F2T B 2 5.53 11.47 -19.11
C4' F2T B 2 6.07 12.62 -18.23
O4' F2T B 2 5.51 13.72 -18.53
C3' F2T B 2 5.59 12.45 -16.83
O3' F2T B 2 6.42 11.65 -16.16
C2' F2T B 2 5.81 13.82 -16.26
F2' F2T B 2 7.19 13.89 -16.16
C1' F2T B 2 5.46 14.58 -17.18
N1 F2T B 2 4.12 15.06 -16.94
C2 F2T B 2 3.95 16.18 -16.21
O2 F2T B 2 4.88 16.77 -15.72
N3 F2T B 2 2.70 16.60 -16.02
C4 F2T B 2 1.65 15.94 -16.55
O4 F2T B 2 0.36 16.45 -16.32
C5 F2T B 2 1.77 14.78 -17.32
C6 F2T B 2 3.11 14.36 -17.49
P 6NW B 3 5.98 11.11 -14.76
SP1 6NW B 3 6.61 9.41 -14.01
OP2 6NW B 3 4.48 11.04 -14.73
O5' 6NW B 3 6.48 12.17 -13.84
C5' 6NW B 3 5.90 12.05 -12.63
C4' 6NW B 3 6.27 13.35 -11.84
O4' 6NW B 3 6.03 14.39 -12.50
C3' 6NW B 3 5.34 13.36 -10.68
O3' 6NW B 3 6.06 12.95 -9.69
C2' 6NW B 3 4.87 14.82 -10.59
O2' 6NW B 3 5.88 15.59 -9.88
C1' 6NW B 3 4.85 15.19 -11.80
CM' 6NW B 3 5.37 16.80 -9.49
N9 6NW B 3 3.62 14.71 -12.37
C8 6NW B 3 3.50 13.55 -13.03
N7 6NW B 3 2.25 13.38 -13.42
C5 6NW B 3 1.52 14.51 -13.00
C6 6NW B 3 0.15 14.95 -13.10
N6 6NW B 3 -0.79 14.12 -13.77
N1 6NW B 3 -0.22 16.17 -12.54
C2 6NW B 3 0.62 16.95 -11.91
N3 6NW B 3 1.90 16.58 -11.80
C4 6NW B 3 2.37 15.35 -12.34
P UFT B 4 5.72 11.61 -9.02
OP1 UFT B 4 7.06 10.90 -8.65
OP2 UFT B 4 4.95 10.75 -9.98
O5' UFT B 4 4.90 12.05 -7.84
N1 UFT B 4 1.44 14.19 -8.16
C6 UFT B 4 1.73 13.14 -8.92
C2 UFT B 4 0.22 14.83 -8.20
O2 UFT B 4 -0.03 15.75 -7.51
N3 UFT B 4 -0.69 14.36 -9.07
C4 UFT B 4 -0.44 13.32 -9.86
O4 UFT B 4 -1.44 12.89 -10.74
C5 UFT B 4 0.80 12.63 -9.85
F2' UFT B 4 2.46 15.03 -5.13
C2' UFT B 4 2.38 14.01 -5.90
C5' UFT B 4 5.54 13.00 -7.04
C4' UFT B 4 4.50 13.91 -6.43
O4' UFT B 4 3.64 14.52 -7.61
C1' UFT B 4 2.42 14.67 -7.25
C3' UFT B 4 3.67 13.23 -5.75
O3' UFT B 4 4.12 13.29 -4.33
C2 6OO B 5 -1.68 11.51 -6.41
C4 6OO B 5 -0.05 10.13 -7.29
C5 6OO B 5 0.71 10.29 -6.15
C6 6OO B 5 0.18 11.12 -5.12
O2 6OO B 5 -2.74 12.02 -6.58
P 6OO B 5 3.46 12.33 -3.27
SP1 6OO B 5 3.81 13.29 -1.65
OP2 6OO B 5 4.02 10.91 -3.42
O5' 6OO B 5 1.96 12.53 -3.47
C5' 6OO B 5 1.21 12.65 -2.23
C4' 6OO B 5 -0.19 12.69 -2.40
O4' 6OO B 5 -0.61 13.28 -3.70
C3' 6OO B 5 -0.89 11.26 -2.38
O3' 6OO B 5 -1.20 10.74 -1.01
C2' 6OO B 5 -1.84 11.35 -3.13
O2' 6OO B 5 -3.19 11.53 -2.62
C1' 6OO B 5 -1.48 12.48 -4.24
CM' 6OO B 5 -4.15 10.89 -3.44
N1 6OO B 5 -0.98 11.69 -5.30
N3 6OO B 5 -1.22 10.74 -7.40
N4 6OO B 5 0.43 9.32 -8.37
P UFT B 6 -0.56 9.38 -0.54
OP1 UFT B 6 0.05 9.57 0.84
OP2 UFT B 6 0.53 8.97 -1.58
O5' UFT B 6 -1.72 8.43 -0.49
N1 UFT B 6 -2.12 6.49 -4.98
C6 UFT B 6 -0.94 5.88 -4.80
C2 UFT B 6 -2.45 7.02 -6.20
O2 UFT B 6 -3.49 7.56 -6.37
N3 UFT B 6 -1.60 6.95 -7.22
C4 UFT B 6 -0.36 6.34 -7.09
O4 UFT B 6 0.58 6.26 -8.20
C5 UFT B 6 -0.03 5.80 -5.87
F2' UFT B 6 -3.77 4.53 -2.70
C2' UFT B 6 -2.67 5.45 -2.75
C5' UFT B 6 -2.85 8.63 -1.27
C4' UFT B 6 -3.28 7.50 -1.96
O4' UFT B 6 -3.17 7.73 -3.45
C1' UFT B 6 -2.99 6.54 -3.94
C3' UFT B 6 -2.48 6.14 -1.70
O3' UFT B 6 -2.83 5.51 -0.40
C1 IPH C . 34.24 -2.88 1.96
C2 IPH C . 33.85 -2.25 3.13
C3 IPH C . 32.80 -1.34 3.12
C4 IPH C . 32.16 -1.04 1.93
C5 IPH C . 32.54 -1.67 0.74
C6 IPH C . 33.59 -2.58 0.76
O1 IPH C . 35.27 -3.78 1.97
C1 IPH D . 29.85 11.73 3.91
C2 IPH D . 28.64 11.11 3.59
C3 IPH D . 28.59 10.18 2.56
C4 IPH D . 29.74 9.87 1.84
C5 IPH D . 30.94 10.50 2.16
C6 IPH D . 31.00 11.42 3.19
O1 IPH D . 29.90 12.65 4.92
P PO4 E . -6.64 -2.84 8.47
O1 PO4 E . -5.60 -3.25 7.46
O2 PO4 E . -7.80 -2.18 7.76
O3 PO4 E . -7.13 -4.06 9.21
O4 PO4 E . -6.03 -1.87 9.45
MG MG F . 6.23 -1.83 -0.08
#